data_5LDB
#
_entry.id   5LDB
#
_cell.length_a   165.619
_cell.length_b   165.619
_cell.length_c   95.150
_cell.angle_alpha   90.000
_cell.angle_beta   90.000
_cell.angle_gamma   90.000
#
_symmetry.space_group_name_H-M   'P 43 21 2'
#
loop_
_entity.id
_entity.type
_entity.pdbx_description
1 polymer 'Polyphosphate:AMP phosphotransferase'
2 non-polymer "ADENOSINE-5'-DIPHOSPHATE"
3 non-polymer 'PHOSPHATE ION'
4 non-polymer 'MAGNESIUM ION'
5 non-polymer GLYCEROL
6 non-polymer 'CHLORIDE ION'
7 water water
#
_entity_poly.entity_id   1
_entity_poly.type   'polypeptide(L)'
_entity_poly.pdbx_seq_one_letter_code
;MGSSHHHHHHSSGLVPRGSHMKKYRVQPDGRFELKRFDPDDTSAFEGGKQAALEALAVLNRRLEKLQELLYAEGQHKVLV
VLQAMDAGGKDGTIRVVFDGVNPSGVRVASFGVPTEQELARDYLWRVHQQVPRKGELVIFNRSHYEDVLVVRVKNLVPQQ
VWQKRYRHIREFERMLADEGTTILKFFLHISKDEQRQRLQERLDNPEKRWKFRMGDLEDRRLWDRYQEAYEAAIRETSTE
YAPWYVIPANKNWYRNWLVSHILVETLEGLAMQYPQPETASEKIVIE
;
_entity_poly.pdbx_strand_id   A,B,C,D
#
# COMPACT_ATOMS: atom_id res chain seq x y z
N MET A 21 -24.22 12.34 -30.84
CA MET A 21 -24.35 11.74 -29.50
C MET A 21 -23.68 12.59 -28.41
N LYS A 22 -23.30 13.84 -28.76
CA LYS A 22 -22.63 14.84 -27.91
C LYS A 22 -23.65 15.61 -27.10
N LYS A 23 -24.91 15.21 -27.21
CA LYS A 23 -26.00 15.80 -26.44
C LYS A 23 -25.95 15.35 -24.96
N TYR A 24 -25.22 14.26 -24.66
CA TYR A 24 -25.10 13.70 -23.31
C TYR A 24 -23.87 14.22 -22.52
N ARG A 25 -22.94 14.90 -23.21
CA ARG A 25 -21.76 15.50 -22.60
C ARG A 25 -22.15 16.80 -21.91
N VAL A 26 -21.80 16.92 -20.64
CA VAL A 26 -22.10 18.12 -19.86
C VAL A 26 -21.01 19.18 -20.11
N GLN A 27 -21.41 20.26 -20.78
CA GLN A 27 -20.54 21.39 -21.14
C GLN A 27 -20.03 22.12 -19.90
N PRO A 28 -18.75 22.56 -19.92
CA PRO A 28 -18.21 23.27 -18.74
C PRO A 28 -18.63 24.74 -18.69
N ASP A 29 -19.92 25.00 -18.47
CA ASP A 29 -20.48 26.36 -18.43
C ASP A 29 -21.24 26.68 -17.13
N GLY A 30 -21.24 25.75 -16.18
CA GLY A 30 -21.95 25.86 -14.91
C GLY A 30 -23.46 26.12 -15.03
N ARG A 31 -24.08 25.66 -16.12
CA ARG A 31 -25.50 25.85 -16.36
C ARG A 31 -26.28 24.52 -16.46
N PHE A 32 -25.62 23.39 -16.07
CA PHE A 32 -26.21 22.04 -16.07
C PHE A 32 -27.49 21.96 -15.23
N GLU A 33 -28.53 21.35 -15.81
CA GLU A 33 -29.82 21.10 -15.14
C GLU A 33 -30.22 19.67 -15.39
N LEU A 34 -30.30 18.87 -14.32
CA LEU A 34 -30.64 17.45 -14.41
C LEU A 34 -32.06 17.20 -15.00
N LYS A 35 -33.00 18.16 -14.82
CA LYS A 35 -34.37 18.11 -15.33
C LYS A 35 -34.44 18.01 -16.86
N ARG A 36 -33.44 18.54 -17.57
CA ARG A 36 -33.31 18.49 -19.03
C ARG A 36 -32.95 17.09 -19.55
N PHE A 37 -32.68 16.14 -18.64
CA PHE A 37 -32.32 14.77 -19.05
C PHE A 37 -33.40 13.80 -18.57
N ASP A 38 -33.99 13.08 -19.51
CA ASP A 38 -35.07 12.15 -19.20
C ASP A 38 -34.46 10.75 -19.07
N PRO A 39 -34.68 10.04 -17.92
CA PRO A 39 -34.14 8.67 -17.78
C PRO A 39 -34.70 7.71 -18.85
N ASP A 40 -35.88 8.04 -19.42
CA ASP A 40 -36.58 7.20 -20.44
C ASP A 40 -36.23 7.53 -21.89
N ASP A 41 -35.38 8.54 -22.13
CA ASP A 41 -34.91 8.96 -23.43
C ASP A 41 -34.02 7.87 -24.08
N THR A 42 -34.28 7.53 -25.37
CA THR A 42 -33.53 6.54 -26.16
C THR A 42 -33.27 7.10 -27.59
N SER A 43 -33.40 8.42 -27.74
CA SER A 43 -33.34 9.13 -29.02
C SER A 43 -32.04 8.97 -29.82
N ALA A 44 -30.89 8.72 -29.17
CA ALA A 44 -29.62 8.52 -29.90
C ALA A 44 -29.52 7.18 -30.66
N PHE A 45 -30.42 6.23 -30.35
CA PHE A 45 -30.42 4.95 -31.02
C PHE A 45 -31.70 4.77 -31.84
N GLU A 46 -31.53 4.57 -33.16
CA GLU A 46 -32.65 4.43 -34.08
C GLU A 46 -33.16 2.99 -34.12
N GLY A 47 -33.74 2.56 -33.02
CA GLY A 47 -34.28 1.21 -32.89
C GLY A 47 -34.56 0.85 -31.46
N GLY A 48 -34.80 -0.43 -31.23
CA GLY A 48 -35.07 -0.95 -29.90
C GLY A 48 -34.02 -1.90 -29.37
N LYS A 49 -34.41 -2.66 -28.37
CA LYS A 49 -33.58 -3.61 -27.64
C LYS A 49 -32.78 -4.56 -28.52
N GLN A 50 -33.45 -5.28 -29.44
CA GLN A 50 -32.78 -6.27 -30.26
C GLN A 50 -31.72 -5.69 -31.22
N ALA A 51 -32.02 -4.56 -31.90
CA ALA A 51 -31.03 -3.94 -32.78
C ALA A 51 -29.82 -3.42 -31.96
N ALA A 52 -30.07 -2.96 -30.73
CA ALA A 52 -29.07 -2.40 -29.83
C ALA A 52 -28.12 -3.46 -29.32
N LEU A 53 -28.62 -4.68 -29.09
CA LEU A 53 -27.79 -5.78 -28.63
C LEU A 53 -26.75 -6.14 -29.69
N GLU A 54 -27.15 -6.13 -30.97
CA GLU A 54 -26.26 -6.42 -32.10
C GLU A 54 -25.23 -5.32 -32.19
N ALA A 55 -25.69 -4.03 -32.06
CA ALA A 55 -24.86 -2.84 -32.15
C ALA A 55 -23.84 -2.82 -31.00
N LEU A 56 -24.27 -3.27 -29.81
CA LEU A 56 -23.44 -3.38 -28.61
C LEU A 56 -22.34 -4.43 -28.82
N ALA A 57 -22.69 -5.60 -29.37
CA ALA A 57 -21.77 -6.71 -29.67
C ALA A 57 -20.62 -6.20 -30.59
N VAL A 58 -20.95 -5.35 -31.62
CA VAL A 58 -19.96 -4.72 -32.52
C VAL A 58 -19.02 -3.80 -31.74
N LEU A 59 -19.57 -2.91 -30.90
CA LEU A 59 -18.80 -2.00 -30.04
C LEU A 59 -17.93 -2.75 -29.02
N ASN A 60 -18.47 -3.81 -28.41
CA ASN A 60 -17.76 -4.63 -27.44
C ASN A 60 -16.52 -5.27 -28.06
N ARG A 61 -16.65 -5.71 -29.29
CA ARG A 61 -15.56 -6.32 -30.02
C ARG A 61 -14.45 -5.28 -30.30
N ARG A 62 -14.84 -4.05 -30.70
CA ARG A 62 -13.94 -2.90 -30.92
C ARG A 62 -13.26 -2.53 -29.60
N LEU A 63 -14.02 -2.51 -28.47
CA LEU A 63 -13.50 -2.25 -27.14
C LEU A 63 -12.41 -3.27 -26.73
N GLU A 64 -12.64 -4.58 -27.01
CA GLU A 64 -11.64 -5.61 -26.70
C GLU A 64 -10.35 -5.33 -27.49
N LYS A 65 -10.47 -4.94 -28.74
CA LYS A 65 -9.30 -4.65 -29.58
C LYS A 65 -8.59 -3.34 -29.13
N LEU A 66 -9.37 -2.30 -28.72
CA LEU A 66 -8.81 -1.02 -28.21
C LEU A 66 -8.10 -1.23 -26.87
N GLN A 67 -8.62 -2.13 -26.02
CA GLN A 67 -7.97 -2.44 -24.75
C GLN A 67 -6.63 -3.15 -24.97
N GLU A 68 -6.58 -4.04 -25.94
CA GLU A 68 -5.35 -4.76 -26.28
C GLU A 68 -4.24 -3.84 -26.73
N LEU A 69 -4.61 -2.81 -27.48
CA LEU A 69 -3.74 -1.75 -27.97
C LEU A 69 -3.23 -0.84 -26.78
N LEU A 70 -4.15 -0.44 -25.88
CA LEU A 70 -3.86 0.37 -24.71
C LEU A 70 -2.79 -0.29 -23.84
N TYR A 71 -3.00 -1.57 -23.56
CA TYR A 71 -2.12 -2.42 -22.76
C TYR A 71 -0.76 -2.59 -23.44
N ALA A 72 -0.75 -2.92 -24.75
CA ALA A 72 0.46 -3.11 -25.56
C ALA A 72 1.29 -1.84 -25.62
N GLU A 73 0.65 -0.70 -25.94
CA GLU A 73 1.29 0.60 -26.03
C GLU A 73 1.88 1.03 -24.66
N GLY A 74 1.12 0.77 -23.59
CA GLY A 74 1.54 1.00 -22.20
C GLY A 74 1.91 2.41 -21.86
N GLN A 75 1.18 3.39 -22.42
CA GLN A 75 1.44 4.81 -22.18
C GLN A 75 0.25 5.51 -21.58
N HIS A 76 -0.94 5.29 -22.08
CA HIS A 76 -2.14 5.96 -21.56
C HIS A 76 -2.67 5.22 -20.34
N LYS A 77 -3.40 5.94 -19.53
CA LYS A 77 -4.11 5.43 -18.35
C LYS A 77 -5.56 5.86 -18.60
N VAL A 78 -6.48 4.93 -18.44
CA VAL A 78 -7.90 5.24 -18.69
C VAL A 78 -8.68 5.03 -17.40
N LEU A 79 -9.40 6.11 -17.00
CA LEU A 79 -10.24 6.10 -15.80
C LEU A 79 -11.70 6.30 -16.17
N VAL A 80 -12.52 5.33 -15.82
CA VAL A 80 -13.96 5.34 -16.01
C VAL A 80 -14.60 5.45 -14.61
N VAL A 81 -15.34 6.54 -14.39
CA VAL A 81 -16.04 6.76 -13.12
C VAL A 81 -17.52 6.44 -13.32
N LEU A 82 -18.07 5.56 -12.48
CA LEU A 82 -19.49 5.22 -12.47
C LEU A 82 -20.14 5.74 -11.17
N GLN A 83 -21.18 6.55 -11.32
CA GLN A 83 -21.99 7.11 -10.25
C GLN A 83 -23.45 6.96 -10.68
N ALA A 84 -24.35 6.68 -9.72
CA ALA A 84 -25.79 6.52 -9.93
C ALA A 84 -26.53 6.51 -8.61
N MET A 85 -27.87 6.62 -8.65
CA MET A 85 -28.70 6.41 -7.46
C MET A 85 -28.65 4.88 -7.18
N ASP A 86 -29.00 4.42 -5.96
CA ASP A 86 -28.96 2.97 -5.66
C ASP A 86 -29.84 2.25 -6.67
N ALA A 87 -29.35 1.10 -7.21
CA ALA A 87 -30.01 0.28 -8.24
C ALA A 87 -30.00 0.97 -9.63
N GLY A 88 -29.13 1.98 -9.78
CA GLY A 88 -28.97 2.78 -11.00
C GLY A 88 -28.24 2.13 -12.16
N GLY A 89 -27.65 0.95 -11.92
CA GLY A 89 -27.00 0.14 -12.95
C GLY A 89 -25.48 0.10 -13.01
N LYS A 90 -24.80 0.41 -11.92
CA LYS A 90 -23.34 0.41 -11.91
C LYS A 90 -22.75 -0.98 -12.16
N ASP A 91 -23.20 -2.01 -11.39
CA ASP A 91 -22.67 -3.37 -11.59
C ASP A 91 -23.02 -3.92 -12.98
N GLY A 92 -24.27 -3.70 -13.42
CA GLY A 92 -24.76 -4.13 -14.73
C GLY A 92 -23.92 -3.57 -15.86
N THR A 93 -23.55 -2.26 -15.76
CA THR A 93 -22.70 -1.58 -16.73
C THR A 93 -21.33 -2.23 -16.80
N ILE A 94 -20.67 -2.46 -15.65
CA ILE A 94 -19.34 -3.07 -15.61
C ILE A 94 -19.38 -4.43 -16.31
N ARG A 95 -20.31 -5.28 -15.88
CA ARG A 95 -20.50 -6.63 -16.34
C ARG A 95 -20.70 -6.72 -17.89
N VAL A 96 -21.56 -5.84 -18.46
CA VAL A 96 -21.93 -5.90 -19.86
C VAL A 96 -20.96 -5.12 -20.74
N VAL A 97 -20.66 -3.90 -20.37
CA VAL A 97 -19.74 -3.10 -21.20
C VAL A 97 -18.36 -3.73 -21.33
N PHE A 98 -17.84 -4.29 -20.25
CA PHE A 98 -16.51 -4.88 -20.18
C PHE A 98 -16.50 -6.38 -20.37
N ASP A 99 -17.62 -6.96 -20.82
CA ASP A 99 -17.73 -8.38 -21.13
C ASP A 99 -16.69 -8.80 -22.18
N GLY A 100 -15.86 -9.78 -21.82
CA GLY A 100 -14.82 -10.30 -22.70
C GLY A 100 -13.55 -9.46 -22.77
N VAL A 101 -13.51 -8.27 -22.12
CA VAL A 101 -12.31 -7.43 -22.13
C VAL A 101 -11.27 -8.11 -21.19
N ASN A 102 -10.03 -8.32 -21.68
CA ASN A 102 -8.97 -9.02 -20.96
C ASN A 102 -8.84 -8.58 -19.50
N PRO A 103 -9.00 -9.55 -18.54
CA PRO A 103 -8.87 -9.22 -17.11
C PRO A 103 -7.52 -8.64 -16.71
N SER A 104 -6.45 -8.96 -17.47
CA SER A 104 -5.11 -8.44 -17.19
C SER A 104 -5.00 -6.93 -17.35
N GLY A 105 -5.89 -6.29 -18.11
CA GLY A 105 -5.82 -4.86 -18.36
C GLY A 105 -7.00 -4.06 -17.86
N VAL A 106 -7.96 -4.70 -17.18
CA VAL A 106 -9.14 -4.01 -16.66
C VAL A 106 -9.28 -4.33 -15.16
N ARG A 107 -9.49 -3.29 -14.36
CA ARG A 107 -9.61 -3.39 -12.90
C ARG A 107 -10.76 -2.56 -12.37
N VAL A 108 -11.47 -3.12 -11.38
CA VAL A 108 -12.55 -2.39 -10.70
C VAL A 108 -12.06 -2.04 -9.29
N ALA A 109 -12.31 -0.77 -8.88
CA ALA A 109 -12.05 -0.24 -7.57
C ALA A 109 -13.41 0.25 -7.07
N SER A 110 -13.91 -0.39 -6.02
CA SER A 110 -15.20 -0.03 -5.41
C SER A 110 -14.96 0.80 -4.18
N PHE A 111 -15.73 1.90 -4.01
CA PHE A 111 -15.59 2.77 -2.85
C PHE A 111 -16.83 2.68 -1.95
N GLY A 112 -16.64 2.08 -0.77
CA GLY A 112 -17.69 1.91 0.21
C GLY A 112 -17.49 2.84 1.40
N VAL A 113 -18.08 2.47 2.53
CA VAL A 113 -18.01 3.23 3.76
C VAL A 113 -16.55 3.38 4.21
N PRO A 114 -16.05 4.63 4.35
CA PRO A 114 -14.65 4.82 4.76
C PRO A 114 -14.32 4.18 6.13
N THR A 115 -13.15 3.54 6.21
CA THR A 115 -12.66 2.94 7.45
C THR A 115 -11.98 4.03 8.29
N GLU A 116 -11.61 3.72 9.55
CA GLU A 116 -10.91 4.66 10.43
C GLU A 116 -9.54 5.05 9.79
N GLN A 117 -8.84 4.07 9.16
CA GLN A 117 -7.55 4.29 8.49
C GLN A 117 -7.72 5.30 7.34
N GLU A 118 -8.83 5.18 6.60
CA GLU A 118 -9.16 6.03 5.46
C GLU A 118 -9.55 7.43 5.88
N LEU A 119 -10.34 7.53 6.95
CA LEU A 119 -10.81 8.81 7.52
C LEU A 119 -9.70 9.61 8.18
N ALA A 120 -8.60 8.95 8.60
CA ALA A 120 -7.46 9.57 9.28
C ALA A 120 -6.57 10.36 8.31
N ARG A 121 -6.79 10.20 6.98
CA ARG A 121 -6.10 10.93 5.93
C ARG A 121 -7.17 11.70 5.19
N ASP A 122 -6.77 12.60 4.26
CA ASP A 122 -7.73 13.35 3.45
C ASP A 122 -8.57 12.35 2.60
N TYR A 123 -9.82 12.73 2.26
CA TYR A 123 -10.72 11.90 1.48
C TYR A 123 -10.13 11.45 0.13
N LEU A 124 -9.16 12.18 -0.44
CA LEU A 124 -8.59 11.77 -1.75
C LEU A 124 -7.49 10.69 -1.66
N TRP A 125 -6.94 10.45 -0.48
CA TRP A 125 -5.89 9.49 -0.23
C TRP A 125 -6.29 8.07 -0.69
N ARG A 126 -7.44 7.57 -0.25
CA ARG A 126 -7.90 6.22 -0.57
C ARG A 126 -8.20 6.04 -2.07
N VAL A 127 -8.65 7.15 -2.71
CA VAL A 127 -9.03 7.24 -4.12
C VAL A 127 -7.76 7.32 -4.98
N HIS A 128 -6.85 8.23 -4.68
CA HIS A 128 -5.61 8.40 -5.43
C HIS A 128 -4.84 7.06 -5.49
N GLN A 129 -4.88 6.27 -4.39
CA GLN A 129 -4.22 4.96 -4.33
C GLN A 129 -4.57 4.04 -5.52
N GLN A 130 -5.87 4.08 -5.91
CA GLN A 130 -6.52 3.23 -6.89
C GLN A 130 -6.47 3.69 -8.33
N VAL A 131 -5.89 4.89 -8.63
CA VAL A 131 -5.86 5.41 -10.00
C VAL A 131 -5.23 4.42 -11.00
N PRO A 132 -5.66 4.39 -12.29
CA PRO A 132 -5.03 3.45 -13.24
C PRO A 132 -3.55 3.77 -13.49
N ARG A 133 -2.76 2.72 -13.70
CA ARG A 133 -1.36 2.85 -14.07
C ARG A 133 -1.31 2.87 -15.64
N LYS A 134 -0.13 3.09 -16.22
CA LYS A 134 0.08 3.08 -17.66
C LYS A 134 -0.32 1.72 -18.27
N GLY A 135 -1.12 1.78 -19.35
CA GLY A 135 -1.63 0.63 -20.07
C GLY A 135 -2.85 -0.03 -19.45
N GLU A 136 -3.37 0.54 -18.38
CA GLU A 136 -4.49 0.01 -17.59
C GLU A 136 -5.77 0.83 -17.73
N LEU A 137 -6.91 0.13 -17.68
CA LEU A 137 -8.24 0.71 -17.68
C LEU A 137 -8.85 0.36 -16.33
N VAL A 138 -9.17 1.41 -15.55
CA VAL A 138 -9.77 1.28 -14.24
C VAL A 138 -11.20 1.84 -14.24
N ILE A 139 -12.11 1.07 -13.60
CA ILE A 139 -13.48 1.50 -13.32
C ILE A 139 -13.61 1.77 -11.81
N PHE A 140 -14.09 2.99 -11.49
CA PHE A 140 -14.41 3.40 -10.15
C PHE A 140 -15.91 3.14 -10.02
N ASN A 141 -16.25 2.11 -9.21
CA ASN A 141 -17.65 1.79 -8.89
C ASN A 141 -17.86 2.62 -7.62
N ARG A 142 -18.41 3.84 -7.78
CA ARG A 142 -18.47 4.93 -6.80
C ARG A 142 -17.04 5.52 -6.77
N SER A 143 -16.86 6.69 -6.15
CA SER A 143 -15.56 7.36 -6.24
C SER A 143 -15.41 8.42 -5.22
N HIS A 144 -14.43 9.33 -5.47
CA HIS A 144 -14.17 10.53 -4.70
C HIS A 144 -15.42 11.44 -4.73
N TYR A 145 -16.38 11.23 -5.69
CA TYR A 145 -17.62 12.04 -5.79
C TYR A 145 -18.54 11.86 -4.63
N GLU A 146 -18.46 10.68 -3.98
CA GLU A 146 -19.25 10.35 -2.80
C GLU A 146 -18.99 11.39 -1.69
N ASP A 147 -17.78 11.97 -1.70
CA ASP A 147 -17.37 12.95 -0.71
C ASP A 147 -18.01 14.34 -0.90
N VAL A 148 -18.91 14.43 -1.87
CA VAL A 148 -19.73 15.62 -2.13
C VAL A 148 -21.15 15.12 -2.39
N LEU A 149 -21.43 13.82 -2.18
CA LEU A 149 -22.78 13.26 -2.40
C LEU A 149 -23.38 12.81 -1.06
N VAL A 150 -23.07 11.57 -0.58
CA VAL A 150 -23.56 11.06 0.72
C VAL A 150 -23.09 11.97 1.87
N VAL A 151 -21.82 12.40 1.81
CA VAL A 151 -21.20 13.33 2.78
C VAL A 151 -22.05 14.66 2.87
N ARG A 152 -22.42 15.24 1.72
CA ARG A 152 -23.25 16.46 1.66
C ARG A 152 -24.69 16.18 2.19
N VAL A 153 -25.38 15.17 1.60
CA VAL A 153 -26.76 14.79 1.92
C VAL A 153 -26.97 14.50 3.42
N LYS A 154 -26.03 13.72 4.02
CA LYS A 154 -26.11 13.29 5.42
C LYS A 154 -25.27 14.17 6.39
N ASN A 155 -24.68 15.26 5.88
CA ASN A 155 -23.86 16.23 6.61
C ASN A 155 -22.78 15.56 7.49
N LEU A 156 -21.98 14.65 6.88
CA LEU A 156 -20.91 13.92 7.57
C LEU A 156 -19.72 14.82 7.88
N VAL A 157 -19.62 15.95 7.16
CA VAL A 157 -18.69 17.08 7.41
C VAL A 157 -19.53 18.35 7.19
N PRO A 158 -19.18 19.52 7.77
CA PRO A 158 -20.02 20.70 7.53
C PRO A 158 -19.89 21.19 6.10
N GLN A 159 -20.88 21.97 5.65
CA GLN A 159 -20.94 22.60 4.33
C GLN A 159 -19.66 23.36 4.01
N GLN A 160 -19.08 24.01 5.02
CA GLN A 160 -17.85 24.81 4.89
C GLN A 160 -16.70 23.92 4.38
N VAL A 161 -16.67 22.66 4.83
CA VAL A 161 -15.70 21.67 4.41
C VAL A 161 -16.00 21.11 2.99
N TRP A 162 -17.19 20.47 2.77
CA TRP A 162 -17.46 19.83 1.51
C TRP A 162 -17.62 20.79 0.32
N GLN A 163 -18.00 22.05 0.53
CA GLN A 163 -18.15 23.05 -0.56
C GLN A 163 -16.81 23.32 -1.25
N LYS A 164 -15.69 23.20 -0.50
CA LYS A 164 -14.33 23.39 -1.00
C LYS A 164 -13.88 22.22 -1.85
N ARG A 165 -14.53 21.06 -1.72
CA ARG A 165 -14.13 19.83 -2.41
C ARG A 165 -14.38 19.84 -3.91
N TYR A 166 -15.28 20.69 -4.44
CA TYR A 166 -15.50 20.74 -5.88
C TYR A 166 -14.22 21.17 -6.60
N ARG A 167 -13.54 22.19 -6.05
CA ARG A 167 -12.27 22.68 -6.57
C ARG A 167 -11.19 21.62 -6.43
N HIS A 168 -11.12 20.93 -5.26
CA HIS A 168 -10.13 19.87 -5.00
C HIS A 168 -10.23 18.84 -6.13
N ILE A 169 -11.48 18.40 -6.43
CA ILE A 169 -11.80 17.42 -7.46
C ILE A 169 -11.40 17.89 -8.88
N ARG A 170 -11.77 19.12 -9.26
CA ARG A 170 -11.38 19.68 -10.57
C ARG A 170 -9.85 19.67 -10.76
N GLU A 171 -9.12 20.07 -9.72
CA GLU A 171 -7.68 20.19 -9.71
C GLU A 171 -6.97 18.83 -9.59
N PHE A 172 -7.59 17.88 -8.92
CA PHE A 172 -7.05 16.53 -8.81
C PHE A 172 -7.18 15.86 -10.19
N GLU A 173 -8.34 16.05 -10.83
CA GLU A 173 -8.61 15.49 -12.14
C GLU A 173 -7.75 16.15 -13.23
N ARG A 174 -7.47 17.46 -13.09
CA ARG A 174 -6.60 18.20 -14.01
C ARG A 174 -5.21 17.63 -13.96
N MET A 175 -4.72 17.35 -12.77
CA MET A 175 -3.37 16.81 -12.54
C MET A 175 -3.29 15.44 -13.21
N LEU A 176 -4.28 14.57 -12.95
CA LEU A 176 -4.39 13.24 -13.54
C LEU A 176 -4.42 13.32 -15.05
N ALA A 177 -5.25 14.21 -15.62
CA ALA A 177 -5.35 14.37 -17.08
C ALA A 177 -4.01 14.87 -17.65
N ASP A 178 -3.43 15.91 -17.05
CA ASP A 178 -2.16 16.48 -17.52
C ASP A 178 -1.06 15.44 -17.51
N GLU A 179 -1.09 14.51 -16.53
CA GLU A 179 -0.05 13.49 -16.36
C GLU A 179 -0.32 12.18 -17.18
N GLY A 180 -1.36 12.21 -18.01
CA GLY A 180 -1.65 11.11 -18.93
C GLY A 180 -2.89 10.28 -18.74
N THR A 181 -3.81 10.68 -17.86
CA THR A 181 -5.04 9.91 -17.65
C THR A 181 -6.20 10.45 -18.51
N THR A 182 -6.90 9.57 -19.25
CA THR A 182 -8.12 9.90 -20.01
C THR A 182 -9.26 9.58 -19.03
N ILE A 183 -10.04 10.59 -18.68
CA ILE A 183 -11.12 10.47 -17.68
C ILE A 183 -12.51 10.55 -18.32
N LEU A 184 -13.34 9.56 -18.03
CA LEU A 184 -14.72 9.54 -18.46
C LEU A 184 -15.54 9.33 -17.22
N LYS A 185 -16.48 10.23 -16.98
CA LYS A 185 -17.35 10.11 -15.81
C LYS A 185 -18.79 9.97 -16.32
N PHE A 186 -19.41 8.85 -15.94
CA PHE A 186 -20.77 8.49 -16.30
C PHE A 186 -21.74 8.57 -15.10
N PHE A 187 -22.80 9.41 -15.25
CA PHE A 187 -23.88 9.46 -14.30
C PHE A 187 -25.01 8.66 -14.92
N LEU A 188 -25.29 7.47 -14.36
CA LEU A 188 -26.34 6.58 -14.88
C LEU A 188 -27.62 7.07 -14.22
N HIS A 189 -28.44 7.75 -15.03
CA HIS A 189 -29.65 8.45 -14.64
C HIS A 189 -30.96 7.63 -14.74
N ILE A 190 -31.47 7.20 -13.59
CA ILE A 190 -32.75 6.47 -13.53
C ILE A 190 -33.81 7.36 -12.85
N SER A 191 -35.07 7.05 -13.05
CA SER A 191 -36.18 7.79 -12.44
C SER A 191 -36.55 7.22 -11.07
N LYS A 192 -37.29 7.99 -10.26
CA LYS A 192 -37.73 7.61 -8.92
C LYS A 192 -38.56 6.30 -8.97
N ASP A 193 -39.50 6.23 -9.95
CA ASP A 193 -40.39 5.10 -10.26
CA ASP A 193 -40.35 5.07 -10.13
C ASP A 193 -39.57 3.84 -10.61
N GLU A 194 -38.58 4.00 -11.52
CA GLU A 194 -37.71 2.90 -11.95
C GLU A 194 -36.94 2.29 -10.75
N GLN A 195 -36.41 3.13 -9.86
CA GLN A 195 -35.69 2.65 -8.67
C GLN A 195 -36.65 1.89 -7.75
N ARG A 196 -37.89 2.38 -7.56
CA ARG A 196 -38.88 1.65 -6.75
C ARG A 196 -39.05 0.20 -7.28
N GLN A 197 -39.16 0.05 -8.60
CA GLN A 197 -39.36 -1.22 -9.29
C GLN A 197 -38.16 -2.15 -9.10
N ARG A 198 -36.95 -1.62 -9.36
CA ARG A 198 -35.68 -2.33 -9.23
C ARG A 198 -35.36 -2.75 -7.78
N LEU A 199 -35.66 -1.87 -6.80
CA LEU A 199 -35.44 -2.17 -5.39
C LEU A 199 -36.39 -3.26 -4.97
N GLN A 200 -37.67 -3.23 -5.43
CA GLN A 200 -38.65 -4.26 -5.13
C GLN A 200 -38.22 -5.63 -5.69
N GLU A 201 -37.74 -5.64 -6.94
CA GLU A 201 -37.26 -6.81 -7.64
C GLU A 201 -36.06 -7.41 -6.89
N ARG A 202 -35.20 -6.57 -6.29
CA ARG A 202 -34.06 -7.06 -5.53
C ARG A 202 -34.46 -7.87 -4.27
N LEU A 203 -35.49 -7.40 -3.54
CA LEU A 203 -36.05 -8.03 -2.32
C LEU A 203 -36.79 -9.33 -2.67
N ASP A 204 -37.34 -9.42 -3.89
CA ASP A 204 -38.09 -10.59 -4.32
C ASP A 204 -37.23 -11.70 -4.96
N ASN A 205 -36.05 -11.34 -5.53
CA ASN A 205 -35.13 -12.30 -6.14
C ASN A 205 -34.10 -12.79 -5.11
N PRO A 206 -34.15 -14.11 -4.77
CA PRO A 206 -33.24 -14.64 -3.74
C PRO A 206 -31.75 -14.61 -4.08
N GLU A 207 -31.42 -14.51 -5.38
CA GLU A 207 -30.02 -14.44 -5.83
C GLU A 207 -29.51 -12.99 -5.88
N LYS A 208 -30.37 -12.02 -5.48
CA LYS A 208 -30.11 -10.58 -5.50
C LYS A 208 -30.45 -9.85 -4.16
N ARG A 209 -31.17 -10.53 -3.21
CA ARG A 209 -31.54 -10.02 -1.88
C ARG A 209 -30.33 -9.49 -1.10
N TRP A 210 -29.18 -10.13 -1.27
CA TRP A 210 -27.92 -9.78 -0.60
C TRP A 210 -27.46 -8.34 -0.88
N LYS A 211 -27.86 -7.78 -2.04
CA LYS A 211 -27.53 -6.41 -2.46
C LYS A 211 -28.34 -5.39 -1.65
N PHE A 212 -29.49 -5.85 -1.09
CA PHE A 212 -30.35 -4.98 -0.32
C PHE A 212 -29.99 -4.96 1.16
N ARG A 213 -29.87 -3.75 1.71
CA ARG A 213 -29.69 -3.49 3.15
C ARG A 213 -30.71 -2.41 3.53
N MET A 214 -31.05 -2.29 4.80
CA MET A 214 -32.10 -1.38 5.25
C MET A 214 -31.85 0.07 4.90
N GLY A 215 -30.59 0.50 5.03
CA GLY A 215 -30.12 1.86 4.74
C GLY A 215 -30.51 2.42 3.38
N ASP A 216 -30.67 1.52 2.38
CA ASP A 216 -31.09 1.78 1.00
C ASP A 216 -32.47 2.47 0.88
N LEU A 217 -33.30 2.31 1.93
CA LEU A 217 -34.63 2.87 2.06
C LEU A 217 -34.59 4.31 2.61
N GLU A 218 -33.62 4.66 3.51
CA GLU A 218 -33.43 6.05 3.97
C GLU A 218 -32.80 6.85 2.84
N ASP A 219 -31.89 6.20 2.08
CA ASP A 219 -31.32 6.76 0.87
C ASP A 219 -32.45 7.07 -0.15
N ARG A 220 -33.47 6.18 -0.28
CA ARG A 220 -34.62 6.43 -1.17
C ARG A 220 -35.50 7.59 -0.64
N ARG A 221 -35.69 7.71 0.70
CA ARG A 221 -36.41 8.84 1.33
C ARG A 221 -35.72 10.19 0.95
N LEU A 222 -34.39 10.16 0.87
CA LEU A 222 -33.56 11.32 0.51
C LEU A 222 -33.30 11.50 -1.00
N TRP A 223 -34.14 10.88 -1.86
CA TRP A 223 -34.07 10.95 -3.32
C TRP A 223 -33.77 12.37 -3.84
N ASP A 224 -34.59 13.37 -3.44
CA ASP A 224 -34.48 14.75 -3.87
C ASP A 224 -33.20 15.41 -3.44
N ARG A 225 -32.75 15.12 -2.20
CA ARG A 225 -31.49 15.68 -1.71
C ARG A 225 -30.34 15.16 -2.55
N TYR A 226 -30.35 13.86 -2.86
CA TYR A 226 -29.32 13.21 -3.72
C TYR A 226 -29.32 13.74 -5.14
N GLN A 227 -30.52 14.03 -5.70
CA GLN A 227 -30.64 14.55 -7.06
C GLN A 227 -30.02 15.96 -7.11
N GLU A 228 -30.30 16.79 -6.08
CA GLU A 228 -29.71 18.13 -5.93
C GLU A 228 -28.15 18.01 -5.80
N ALA A 229 -27.64 17.08 -4.96
CA ALA A 229 -26.20 16.86 -4.78
C ALA A 229 -25.54 16.46 -6.11
N TYR A 230 -26.22 15.61 -6.90
CA TYR A 230 -25.72 15.18 -8.22
C TYR A 230 -25.65 16.32 -9.20
N GLU A 231 -26.70 17.12 -9.26
CA GLU A 231 -26.75 18.27 -10.12
C GLU A 231 -25.60 19.22 -9.81
N ALA A 232 -25.39 19.51 -8.52
CA ALA A 232 -24.33 20.39 -8.08
C ALA A 232 -22.95 19.83 -8.41
N ALA A 233 -22.72 18.55 -8.12
CA ALA A 233 -21.45 17.88 -8.40
C ALA A 233 -21.11 17.91 -9.91
N ILE A 234 -22.09 17.55 -10.77
CA ILE A 234 -21.91 17.51 -12.23
C ILE A 234 -21.64 18.92 -12.77
N ARG A 235 -22.44 19.89 -12.32
CA ARG A 235 -22.33 21.31 -12.72
C ARG A 235 -20.93 21.86 -12.35
N GLU A 236 -20.44 21.52 -11.16
CA GLU A 236 -19.14 22.00 -10.64
C GLU A 236 -17.93 21.33 -11.25
N THR A 237 -18.03 20.04 -11.63
CA THR A 237 -16.84 19.27 -12.02
C THR A 237 -16.78 18.80 -13.48
N SER A 238 -17.82 19.07 -14.29
CA SER A 238 -17.70 18.66 -15.70
C SER A 238 -16.81 19.65 -16.42
N THR A 239 -15.63 19.18 -16.82
CA THR A 239 -14.61 20.02 -17.47
C THR A 239 -14.23 19.45 -18.83
N GLU A 240 -13.45 20.20 -19.64
CA GLU A 240 -12.97 19.77 -20.94
C GLU A 240 -12.07 18.57 -20.78
N TYR A 241 -11.25 18.53 -19.72
CA TYR A 241 -10.31 17.43 -19.47
C TYR A 241 -10.93 16.26 -18.75
N ALA A 242 -12.09 16.45 -18.07
CA ALA A 242 -12.76 15.37 -17.36
C ALA A 242 -14.28 15.61 -17.45
N PRO A 243 -14.90 15.24 -18.60
CA PRO A 243 -16.33 15.49 -18.76
C PRO A 243 -17.23 14.52 -18.02
N TRP A 244 -18.43 14.99 -17.67
CA TRP A 244 -19.51 14.17 -17.15
C TRP A 244 -20.44 13.90 -18.36
N TYR A 245 -20.96 12.66 -18.44
CA TYR A 245 -21.96 12.22 -19.42
C TYR A 245 -23.13 11.75 -18.60
N VAL A 246 -24.32 12.30 -18.91
CA VAL A 246 -25.59 11.88 -18.28
C VAL A 246 -26.17 10.79 -19.18
N ILE A 247 -26.29 9.57 -18.66
CA ILE A 247 -26.76 8.41 -19.40
C ILE A 247 -28.20 8.08 -18.99
N PRO A 248 -29.22 8.32 -19.87
CA PRO A 248 -30.61 7.86 -19.54
C PRO A 248 -30.52 6.35 -19.31
N ALA A 249 -30.79 5.89 -18.09
CA ALA A 249 -30.49 4.52 -17.73
C ALA A 249 -31.67 3.67 -17.29
N ASN A 250 -32.92 4.12 -17.54
CA ASN A 250 -34.09 3.30 -17.23
C ASN A 250 -34.10 2.03 -18.12
N LYS A 251 -33.56 2.14 -19.36
CA LYS A 251 -33.49 1.00 -20.28
C LYS A 251 -32.04 0.54 -20.31
N ASN A 252 -31.76 -0.64 -19.74
CA ASN A 252 -30.42 -1.20 -19.67
C ASN A 252 -29.71 -1.36 -21.01
N TRP A 253 -30.44 -1.79 -22.05
CA TRP A 253 -29.90 -1.95 -23.41
C TRP A 253 -29.39 -0.59 -23.92
N TYR A 254 -30.10 0.50 -23.60
CA TYR A 254 -29.71 1.82 -24.07
C TYR A 254 -28.50 2.33 -23.29
N ARG A 255 -28.54 2.15 -21.96
CA ARG A 255 -27.47 2.49 -21.04
C ARG A 255 -26.18 1.78 -21.45
N ASN A 256 -26.24 0.47 -21.70
CA ASN A 256 -25.06 -0.33 -22.09
C ASN A 256 -24.50 0.08 -23.45
N TRP A 257 -25.39 0.29 -24.43
CA TRP A 257 -25.00 0.71 -25.77
C TRP A 257 -24.31 2.11 -25.74
N LEU A 258 -24.92 3.07 -25.05
CA LEU A 258 -24.46 4.45 -24.99
C LEU A 258 -23.13 4.59 -24.27
N VAL A 259 -22.95 3.88 -23.13
CA VAL A 259 -21.69 3.90 -22.42
C VAL A 259 -20.58 3.29 -23.29
N SER A 260 -20.86 2.15 -23.96
CA SER A 260 -19.88 1.51 -24.88
C SER A 260 -19.52 2.45 -26.05
N HIS A 261 -20.51 3.12 -26.65
CA HIS A 261 -20.29 4.03 -27.77
C HIS A 261 -19.34 5.19 -27.36
N ILE A 262 -19.61 5.84 -26.22
CA ILE A 262 -18.82 6.95 -25.69
C ILE A 262 -17.41 6.49 -25.37
N LEU A 263 -17.26 5.36 -24.69
CA LEU A 263 -15.97 4.79 -24.35
C LEU A 263 -15.12 4.44 -25.57
N VAL A 264 -15.71 3.74 -26.53
CA VAL A 264 -15.04 3.33 -27.78
C VAL A 264 -14.56 4.56 -28.59
N GLU A 265 -15.45 5.53 -28.76
CA GLU A 265 -15.14 6.77 -29.47
C GLU A 265 -13.94 7.51 -28.81
N THR A 266 -13.97 7.61 -27.47
CA THR A 266 -12.88 8.24 -26.70
C THR A 266 -11.55 7.52 -26.92
N LEU A 267 -11.53 6.18 -26.80
CA LEU A 267 -10.31 5.39 -26.99
C LEU A 267 -9.79 5.46 -28.43
N GLU A 268 -10.69 5.49 -29.43
CA GLU A 268 -10.31 5.63 -30.84
C GLU A 268 -9.62 6.96 -31.11
N GLY A 269 -10.04 8.02 -30.40
CA GLY A 269 -9.48 9.36 -30.50
C GLY A 269 -8.03 9.42 -30.04
N LEU A 270 -7.61 8.49 -29.16
CA LEU A 270 -6.22 8.46 -28.66
C LEU A 270 -5.23 8.05 -29.75
N ALA A 271 -5.71 7.43 -30.85
CA ALA A 271 -4.93 6.92 -32.00
C ALA A 271 -3.70 6.14 -31.46
N MET A 272 -3.96 5.17 -30.56
CA MET A 272 -2.92 4.35 -29.94
C MET A 272 -2.20 3.52 -30.97
N GLN A 273 -0.89 3.35 -30.79
CA GLN A 273 -0.05 2.60 -31.73
C GLN A 273 0.64 1.45 -31.01
N TYR A 274 0.90 0.35 -31.71
CA TYR A 274 1.67 -0.77 -31.15
C TYR A 274 3.16 -0.30 -31.01
N PRO A 275 3.88 -0.68 -29.93
CA PRO A 275 5.27 -0.23 -29.77
C PRO A 275 6.20 -0.54 -30.93
N GLN A 276 7.15 0.36 -31.16
CA GLN A 276 8.15 0.28 -32.22
C GLN A 276 9.15 -0.84 -31.91
N PRO A 277 9.39 -1.80 -32.82
CA PRO A 277 10.37 -2.87 -32.53
C PRO A 277 11.75 -2.37 -32.13
N GLU A 278 12.44 -3.15 -31.26
CA GLU A 278 13.79 -2.89 -30.74
C GLU A 278 14.84 -2.97 -31.86
N MET B 21 10.91 36.83 13.16
CA MET B 21 11.42 35.68 12.39
C MET B 21 10.64 35.45 11.06
N LYS B 22 9.59 36.29 10.83
CA LYS B 22 8.67 36.33 9.67
C LYS B 22 9.39 36.72 8.36
N LYS B 23 10.61 37.32 8.45
CA LYS B 23 11.48 37.71 7.34
C LYS B 23 11.91 36.50 6.49
N TYR B 24 11.80 35.26 7.04
CA TYR B 24 12.17 34.03 6.33
C TYR B 24 10.96 33.36 5.62
N ARG B 25 9.72 33.76 5.97
CA ARG B 25 8.54 33.29 5.27
C ARG B 25 8.44 33.97 3.91
N VAL B 26 8.21 33.16 2.86
CA VAL B 26 8.09 33.65 1.49
C VAL B 26 6.63 34.01 1.24
N GLN B 27 6.37 35.32 1.08
CA GLN B 27 5.05 35.88 0.85
C GLN B 27 4.47 35.41 -0.49
N PRO B 28 3.14 35.14 -0.54
CA PRO B 28 2.54 34.68 -1.80
C PRO B 28 2.26 35.82 -2.76
N ASP B 29 3.31 36.47 -3.28
CA ASP B 29 3.19 37.62 -4.19
C ASP B 29 3.91 37.41 -5.54
N GLY B 30 4.49 36.23 -5.73
CA GLY B 30 5.24 35.85 -6.93
C GLY B 30 6.42 36.77 -7.25
N ARG B 31 7.01 37.38 -6.20
CA ARG B 31 8.13 38.30 -6.34
C ARG B 31 9.40 37.81 -5.59
N PHE B 32 9.40 36.52 -5.21
CA PHE B 32 10.52 35.89 -4.51
C PHE B 32 11.80 35.91 -5.36
N GLU B 33 12.92 36.30 -4.74
CA GLU B 33 14.25 36.29 -5.33
C GLU B 33 15.20 35.64 -4.32
N LEU B 34 15.80 34.51 -4.71
CA LEU B 34 16.72 33.77 -3.86
C LEU B 34 17.98 34.58 -3.46
N LYS B 35 18.40 35.53 -4.33
CA LYS B 35 19.56 36.43 -4.13
C LYS B 35 19.44 37.27 -2.85
N ARG B 36 18.22 37.60 -2.44
CA ARG B 36 17.88 38.35 -1.21
C ARG B 36 18.11 37.52 0.07
N PHE B 37 18.46 36.23 -0.07
CA PHE B 37 18.69 35.39 1.11
C PHE B 37 20.13 34.90 1.11
N ASP B 38 20.87 35.23 2.19
CA ASP B 38 22.28 34.87 2.32
C ASP B 38 22.39 33.61 3.13
N PRO B 39 23.04 32.54 2.61
CA PRO B 39 23.22 31.31 3.42
C PRO B 39 23.99 31.52 4.71
N ASP B 40 24.82 32.61 4.77
CA ASP B 40 25.63 32.93 5.96
C ASP B 40 24.98 33.88 6.95
N ASP B 41 23.72 34.30 6.68
CA ASP B 41 22.92 35.19 7.54
C ASP B 41 22.53 34.48 8.85
N THR B 42 22.74 35.18 9.99
CA THR B 42 22.38 34.68 11.35
C THR B 42 21.71 35.80 12.16
N SER B 43 21.20 36.83 11.45
CA SER B 43 20.62 38.04 12.02
C SER B 43 19.42 37.85 12.96
N ALA B 44 18.64 36.77 12.82
CA ALA B 44 17.50 36.54 13.72
C ALA B 44 17.92 36.07 15.14
N PHE B 45 19.17 35.64 15.31
CA PHE B 45 19.64 35.24 16.63
C PHE B 45 20.71 36.21 17.14
N GLU B 46 20.46 36.81 18.32
CA GLU B 46 21.39 37.77 18.93
C GLU B 46 22.50 37.07 19.74
N GLY B 47 23.36 36.37 19.04
CA GLY B 47 24.46 35.67 19.67
C GLY B 47 25.07 34.66 18.71
N GLY B 48 25.89 33.79 19.28
CA GLY B 48 26.54 32.75 18.49
C GLY B 48 26.13 31.35 18.85
N LYS B 49 26.99 30.40 18.44
CA LYS B 49 26.76 28.95 18.59
C LYS B 49 26.34 28.53 19.98
N GLN B 50 27.12 28.90 21.01
CA GLN B 50 26.81 28.44 22.36
C GLN B 50 25.47 28.92 22.92
N ALA B 51 25.13 30.22 22.75
CA ALA B 51 23.84 30.73 23.22
C ALA B 51 22.67 30.06 22.46
N ALA B 52 22.87 29.80 21.13
CA ALA B 52 21.92 29.16 20.24
C ALA B 52 21.62 27.72 20.60
N LEU B 53 22.61 26.97 21.12
CA LEU B 53 22.42 25.57 21.56
C LEU B 53 21.52 25.50 22.78
N GLU B 54 21.67 26.47 23.72
CA GLU B 54 20.85 26.53 24.94
C GLU B 54 19.43 26.86 24.53
N ALA B 55 19.28 27.83 23.60
CA ALA B 55 17.98 28.28 23.10
C ALA B 55 17.26 27.11 22.35
N LEU B 56 18.04 26.29 21.61
CA LEU B 56 17.55 25.12 20.88
C LEU B 56 17.03 24.05 21.84
N ALA B 57 17.78 23.82 22.93
CA ALA B 57 17.44 22.85 23.99
C ALA B 57 16.06 23.16 24.58
N VAL B 58 15.77 24.48 24.81
CA VAL B 58 14.48 24.99 25.31
C VAL B 58 13.35 24.68 24.29
N LEU B 59 13.57 25.01 23.02
CA LEU B 59 12.63 24.77 21.94
C LEU B 59 12.38 23.28 21.72
N ASN B 60 13.44 22.45 21.80
CA ASN B 60 13.32 21.00 21.65
C ASN B 60 12.40 20.38 22.71
N ARG B 61 12.45 20.88 23.96
CA ARG B 61 11.59 20.41 25.07
C ARG B 61 10.15 20.81 24.82
N ARG B 62 9.95 22.05 24.30
CA ARG B 62 8.62 22.55 23.94
C ARG B 62 8.07 21.69 22.78
N LEU B 63 8.92 21.35 21.81
CA LEU B 63 8.53 20.52 20.66
C LEU B 63 8.06 19.13 21.12
N GLU B 64 8.79 18.50 22.07
CA GLU B 64 8.40 17.19 22.61
C GLU B 64 7.02 17.32 23.23
N LYS B 65 6.78 18.40 24.02
CA LYS B 65 5.47 18.61 24.66
C LYS B 65 4.34 18.88 23.64
N LEU B 66 4.63 19.63 22.57
CA LEU B 66 3.66 19.95 21.52
C LEU B 66 3.31 18.70 20.70
N GLN B 67 4.30 17.81 20.49
CA GLN B 67 4.04 16.57 19.76
C GLN B 67 3.13 15.66 20.60
N GLU B 68 3.30 15.67 21.93
CA GLU B 68 2.46 14.90 22.85
C GLU B 68 1.01 15.36 22.77
N LEU B 69 0.79 16.69 22.69
CA LEU B 69 -0.56 17.23 22.53
C LEU B 69 -1.17 16.77 21.20
N LEU B 70 -0.41 16.91 20.10
CA LEU B 70 -0.84 16.56 18.75
C LEU B 70 -1.35 15.12 18.65
N TYR B 71 -0.56 14.18 19.17
CA TYR B 71 -0.80 12.75 19.20
C TYR B 71 -2.01 12.44 20.06
N ALA B 72 -2.07 12.96 21.30
CA ALA B 72 -3.20 12.69 22.17
C ALA B 72 -4.50 13.29 21.64
N GLU B 73 -4.48 14.52 21.13
CA GLU B 73 -5.63 15.22 20.55
C GLU B 73 -6.12 14.49 19.26
N GLY B 74 -5.21 13.89 18.50
CA GLY B 74 -5.50 13.10 17.32
C GLY B 74 -6.42 13.74 16.29
N GLN B 75 -6.30 15.05 16.08
CA GLN B 75 -7.13 15.83 15.16
C GLN B 75 -6.31 16.35 13.99
N HIS B 76 -5.22 17.07 14.28
CA HIS B 76 -4.37 17.70 13.29
C HIS B 76 -3.40 16.73 12.68
N LYS B 77 -2.93 17.07 11.49
CA LYS B 77 -1.92 16.32 10.74
C LYS B 77 -0.86 17.36 10.45
N VAL B 78 0.39 17.02 10.74
CA VAL B 78 1.48 18.00 10.52
C VAL B 78 2.43 17.45 9.50
N LEU B 79 2.67 18.24 8.44
CA LEU B 79 3.59 17.90 7.37
C LEU B 79 4.73 18.90 7.28
N VAL B 80 5.95 18.39 7.46
CA VAL B 80 7.18 19.18 7.37
C VAL B 80 7.91 18.68 6.11
N VAL B 81 8.14 19.59 5.16
CA VAL B 81 8.84 19.28 3.92
C VAL B 81 10.25 19.86 4.04
N LEU B 82 11.25 19.00 3.82
CA LEU B 82 12.65 19.42 3.76
C LEU B 82 13.18 19.28 2.34
N GLN B 83 13.71 20.38 1.80
CA GLN B 83 14.35 20.45 0.50
C GLN B 83 15.61 21.25 0.66
N ALA B 84 16.68 20.88 -0.05
CA ALA B 84 17.98 21.53 -0.03
C ALA B 84 18.87 21.08 -1.19
N MET B 85 20.00 21.78 -1.45
CA MET B 85 21.00 21.29 -2.40
C MET B 85 21.65 20.05 -1.72
N ASP B 86 22.35 19.17 -2.47
CA ASP B 86 23.01 18.00 -1.88
C ASP B 86 23.96 18.49 -0.78
N ALA B 87 23.95 17.80 0.39
CA ALA B 87 24.73 18.16 1.59
C ALA B 87 24.21 19.45 2.26
N GLY B 88 22.98 19.86 1.94
CA GLY B 88 22.31 21.05 2.47
C GLY B 88 21.81 20.98 3.91
N GLY B 89 21.86 19.79 4.53
CA GLY B 89 21.48 19.62 5.94
C GLY B 89 20.16 18.94 6.26
N LYS B 90 19.56 18.19 5.29
CA LYS B 90 18.29 17.53 5.53
C LYS B 90 18.35 16.49 6.67
N ASP B 91 19.32 15.54 6.63
CA ASP B 91 19.45 14.54 7.68
C ASP B 91 19.79 15.17 9.04
N GLY B 92 20.72 16.12 9.03
CA GLY B 92 21.12 16.86 10.23
C GLY B 92 19.95 17.53 10.91
N THR B 93 19.05 18.18 10.12
CA THR B 93 17.84 18.83 10.61
C THR B 93 16.93 17.83 11.33
N ILE B 94 16.60 16.71 10.67
CA ILE B 94 15.75 15.66 11.23
C ILE B 94 16.31 15.19 12.57
N ARG B 95 17.57 14.76 12.55
CA ARG B 95 18.31 14.22 13.70
C ARG B 95 18.23 15.15 14.92
N VAL B 96 18.59 16.42 14.73
CA VAL B 96 18.68 17.42 15.80
C VAL B 96 17.32 18.02 16.18
N VAL B 97 16.52 18.51 15.22
CA VAL B 97 15.26 19.15 15.55
C VAL B 97 14.30 18.19 16.27
N PHE B 98 14.26 16.92 15.82
CA PHE B 98 13.32 15.91 16.34
C PHE B 98 13.93 15.01 17.38
N ASP B 99 15.13 15.35 17.87
CA ASP B 99 15.81 14.62 18.93
C ASP B 99 14.91 14.52 20.21
N GLY B 100 14.65 13.28 20.64
CA GLY B 100 13.83 13.02 21.82
C GLY B 100 12.32 13.04 21.58
N VAL B 101 11.87 13.43 20.35
CA VAL B 101 10.45 13.47 20.05
C VAL B 101 9.95 11.98 19.92
N ASN B 102 8.86 11.60 20.62
CA ASN B 102 8.30 10.25 20.61
C ASN B 102 8.26 9.61 19.21
N PRO B 103 8.96 8.47 19.05
CA PRO B 103 8.98 7.78 17.74
C PRO B 103 7.59 7.34 17.25
N SER B 104 6.66 7.07 18.18
CA SER B 104 5.31 6.66 17.82
C SER B 104 4.50 7.73 17.11
N GLY B 105 4.90 9.02 17.23
CA GLY B 105 4.17 10.11 16.59
C GLY B 105 4.90 10.85 15.48
N VAL B 106 6.15 10.47 15.22
CA VAL B 106 6.95 11.13 14.20
C VAL B 106 7.46 10.08 13.19
N ARG B 107 7.27 10.38 11.90
CA ARG B 107 7.65 9.52 10.80
C ARG B 107 8.39 10.28 9.70
N VAL B 108 9.43 9.64 9.14
CA VAL B 108 10.16 10.20 8.00
C VAL B 108 9.81 9.39 6.75
N ALA B 109 9.55 10.11 5.65
CA ALA B 109 9.28 9.57 4.33
C ALA B 109 10.34 10.19 3.41
N SER B 110 11.25 9.37 2.90
CA SER B 110 12.32 9.81 2.01
C SER B 110 11.91 9.51 0.57
N PHE B 111 12.14 10.46 -0.35
CA PHE B 111 11.82 10.30 -1.75
C PHE B 111 13.07 10.27 -2.60
N GLY B 112 13.36 9.09 -3.13
CA GLY B 112 14.52 8.86 -4.00
C GLY B 112 14.14 8.70 -5.45
N VAL B 113 15.01 8.01 -6.19
CA VAL B 113 14.83 7.77 -7.61
C VAL B 113 13.54 6.96 -7.81
N PRO B 114 12.57 7.51 -8.61
CA PRO B 114 11.30 6.76 -8.83
C PRO B 114 11.50 5.38 -9.44
N THR B 115 10.74 4.39 -8.94
CA THR B 115 10.76 3.02 -9.48
C THR B 115 9.80 2.97 -10.66
N GLU B 116 9.82 1.86 -11.40
CA GLU B 116 8.94 1.66 -12.54
C GLU B 116 7.47 1.70 -12.11
N GLN B 117 7.16 1.12 -10.94
CA GLN B 117 5.81 1.11 -10.32
C GLN B 117 5.35 2.55 -10.03
N GLU B 118 6.25 3.39 -9.54
CA GLU B 118 5.99 4.77 -9.19
C GLU B 118 5.79 5.65 -10.42
N LEU B 119 6.62 5.42 -11.48
CA LEU B 119 6.54 6.15 -12.75
C LEU B 119 5.31 5.77 -13.57
N ALA B 120 4.70 4.59 -13.28
CA ALA B 120 3.51 4.09 -13.99
C ALA B 120 2.23 4.81 -13.57
N ARG B 121 2.31 5.62 -12.50
CA ARG B 121 1.20 6.46 -12.02
C ARG B 121 1.69 7.87 -12.06
N ASP B 122 0.78 8.85 -11.81
CA ASP B 122 1.20 10.28 -11.78
C ASP B 122 2.26 10.49 -10.69
N TYR B 123 3.10 11.53 -10.85
CA TYR B 123 4.17 11.83 -9.89
C TYR B 123 3.68 12.06 -8.45
N LEU B 124 2.38 12.45 -8.27
CA LEU B 124 1.87 12.71 -6.91
C LEU B 124 1.41 11.45 -6.17
N TRP B 125 1.19 10.35 -6.89
CA TRP B 125 0.71 9.08 -6.32
C TRP B 125 1.61 8.58 -5.18
N ARG B 126 2.94 8.48 -5.41
CA ARG B 126 3.86 7.95 -4.40
C ARG B 126 3.98 8.84 -3.16
N VAL B 127 3.74 10.16 -3.39
CA VAL B 127 3.82 11.21 -2.38
C VAL B 127 2.56 11.22 -1.54
N HIS B 128 1.38 11.26 -2.20
CA HIS B 128 0.09 11.22 -1.52
C HIS B 128 -0.01 10.00 -0.53
N GLN B 129 0.53 8.83 -0.89
N GLN B 129 0.57 8.85 -0.93
CA GLN B 129 0.49 7.66 -0.01
CA GLN B 129 0.64 7.60 -0.15
C GLN B 129 1.10 7.94 1.37
C GLN B 129 1.21 7.82 1.27
N GLN B 130 2.19 8.74 1.41
CA GLN B 130 2.95 9.04 2.61
C GLN B 130 2.46 10.20 3.48
N VAL B 131 1.39 10.93 3.10
CA VAL B 131 0.92 12.08 3.85
C VAL B 131 0.63 11.74 5.32
N PRO B 132 0.78 12.69 6.29
CA PRO B 132 0.50 12.34 7.69
C PRO B 132 -0.99 12.05 7.93
N ARG B 133 -1.26 11.14 8.86
CA ARG B 133 -2.60 10.86 9.30
C ARG B 133 -2.89 11.76 10.55
N LYS B 134 -4.12 11.71 11.07
CA LYS B 134 -4.51 12.50 12.25
C LYS B 134 -3.64 12.12 13.47
N GLY B 135 -3.12 13.15 14.16
CA GLY B 135 -2.25 13.03 15.33
C GLY B 135 -0.81 12.73 15.02
N GLU B 136 -0.44 12.71 13.73
CA GLU B 136 0.89 12.36 13.24
C GLU B 136 1.65 13.55 12.69
N LEU B 137 2.98 13.54 12.91
CA LEU B 137 3.90 14.51 12.36
C LEU B 137 4.80 13.74 11.40
N VAL B 138 4.73 14.12 10.10
CA VAL B 138 5.52 13.52 9.04
C VAL B 138 6.52 14.53 8.48
N ILE B 139 7.77 14.04 8.26
CA ILE B 139 8.84 14.78 7.59
C ILE B 139 9.10 14.12 6.25
N PHE B 140 9.03 14.94 5.17
CA PHE B 140 9.35 14.56 3.81
C PHE B 140 10.80 14.97 3.63
N ASN B 141 11.69 13.97 3.57
CA ASN B 141 13.12 14.18 3.30
C ASN B 141 13.14 14.07 1.77
N ARG B 142 13.08 15.24 1.07
CA ARG B 142 12.79 15.38 -0.37
C ARG B 142 11.27 15.13 -0.53
N SER B 143 10.67 15.49 -1.67
CA SER B 143 9.22 15.41 -1.80
C SER B 143 8.79 15.44 -3.24
N HIS B 144 7.48 15.77 -3.42
CA HIS B 144 6.84 16.02 -4.71
C HIS B 144 7.54 17.18 -5.44
N TYR B 145 8.31 18.04 -4.71
CA TYR B 145 9.07 19.16 -5.31
C TYR B 145 10.15 18.69 -6.24
N GLU B 146 10.70 17.51 -6.02
CA GLU B 146 11.72 16.94 -6.89
C GLU B 146 11.25 16.84 -8.35
N ASP B 147 9.94 16.72 -8.55
CA ASP B 147 9.26 16.66 -9.86
C ASP B 147 9.22 18.00 -10.63
N VAL B 148 9.73 19.10 -10.01
CA VAL B 148 9.90 20.42 -10.64
C VAL B 148 11.36 20.86 -10.36
N LEU B 149 12.18 19.96 -9.81
CA LEU B 149 13.58 20.29 -9.50
C LEU B 149 14.53 19.47 -10.37
N VAL B 150 14.92 18.26 -9.94
CA VAL B 150 15.78 17.35 -10.73
C VAL B 150 15.14 17.07 -12.13
N VAL B 151 13.83 16.86 -12.15
CA VAL B 151 13.06 16.62 -13.40
C VAL B 151 13.21 17.81 -14.40
N ARG B 152 13.12 19.07 -13.90
CA ARG B 152 13.28 20.31 -14.69
C ARG B 152 14.76 20.44 -15.14
N VAL B 153 15.70 20.41 -14.20
CA VAL B 153 17.15 20.56 -14.41
C VAL B 153 17.71 19.55 -15.43
N LYS B 154 17.35 18.27 -15.28
CA LYS B 154 17.83 17.18 -16.14
C LYS B 154 16.89 16.85 -17.32
N ASN B 155 15.80 17.63 -17.49
CA ASN B 155 14.77 17.49 -18.54
C ASN B 155 14.25 16.05 -18.68
N LEU B 156 13.83 15.46 -17.55
CA LEU B 156 13.28 14.10 -17.47
C LEU B 156 11.89 14.02 -18.12
N VAL B 157 11.21 15.19 -18.20
CA VAL B 157 9.94 15.43 -18.92
C VAL B 157 10.11 16.77 -19.64
N PRO B 158 9.38 17.06 -20.73
CA PRO B 158 9.55 18.39 -21.37
C PRO B 158 8.98 19.51 -20.49
N GLN B 159 9.43 20.74 -20.75
CA GLN B 159 8.98 21.97 -20.10
C GLN B 159 7.46 22.09 -20.08
N GLN B 160 6.82 21.71 -21.19
CA GLN B 160 5.37 21.74 -21.35
C GLN B 160 4.69 20.94 -20.23
N VAL B 161 5.29 19.80 -19.86
CA VAL B 161 4.80 18.93 -18.79
C VAL B 161 5.09 19.51 -17.39
N TRP B 162 6.38 19.76 -17.04
CA TRP B 162 6.70 20.16 -15.67
C TRP B 162 6.20 21.57 -15.30
N GLN B 163 6.01 22.48 -16.27
CA GLN B 163 5.53 23.84 -16.01
C GLN B 163 4.10 23.82 -15.44
N LYS B 164 3.32 22.81 -15.79
CA LYS B 164 1.94 22.65 -15.31
C LYS B 164 1.88 22.15 -13.89
N ARG B 165 2.99 21.58 -13.40
CA ARG B 165 3.07 20.97 -12.07
C ARG B 165 3.03 21.96 -10.92
N TYR B 166 3.37 23.24 -11.15
CA TYR B 166 3.31 24.23 -10.05
C TYR B 166 1.87 24.39 -9.57
N ARG B 167 0.92 24.43 -10.49
CA ARG B 167 -0.50 24.51 -10.17
C ARG B 167 -0.96 23.21 -9.48
N HIS B 168 -0.54 22.04 -9.99
CA HIS B 168 -0.90 20.75 -9.41
C HIS B 168 -0.54 20.76 -7.95
N ILE B 169 0.70 21.18 -7.64
CA ILE B 169 1.25 21.27 -6.29
C ILE B 169 0.47 22.26 -5.38
N ARG B 170 0.18 23.49 -5.86
CA ARG B 170 -0.60 24.47 -5.10
C ARG B 170 -1.97 23.90 -4.69
N GLU B 171 -2.63 23.23 -5.64
CA GLU B 171 -3.95 22.65 -5.48
C GLU B 171 -3.96 21.36 -4.65
N PHE B 172 -2.89 20.58 -4.73
CA PHE B 172 -2.75 19.37 -3.92
C PHE B 172 -2.56 19.79 -2.46
N GLU B 173 -1.73 20.83 -2.25
CA GLU B 173 -1.43 21.36 -0.92
C GLU B 173 -2.64 22.05 -0.31
N ARG B 174 -3.46 22.73 -1.15
CA ARG B 174 -4.69 23.38 -0.73
C ARG B 174 -5.66 22.36 -0.19
N MET B 175 -5.77 21.24 -0.88
CA MET B 175 -6.68 20.15 -0.53
C MET B 175 -6.25 19.59 0.81
N LEU B 176 -4.93 19.31 0.95
CA LEU B 176 -4.33 18.81 2.19
C LEU B 176 -4.61 19.74 3.35
N ALA B 177 -4.36 21.06 3.15
CA ALA B 177 -4.57 22.09 4.19
C ALA B 177 -6.05 22.19 4.55
N ASP B 178 -6.94 22.28 3.54
CA ASP B 178 -8.37 22.36 3.78
C ASP B 178 -8.87 21.16 4.57
N GLU B 179 -8.26 19.97 4.34
CA GLU B 179 -8.70 18.74 4.96
C GLU B 179 -8.03 18.47 6.33
N GLY B 180 -7.30 19.45 6.86
CA GLY B 180 -6.71 19.41 8.20
C GLY B 180 -5.20 19.25 8.34
N THR B 181 -4.41 19.40 7.26
CA THR B 181 -2.96 19.29 7.38
C THR B 181 -2.32 20.68 7.53
N THR B 182 -1.39 20.82 8.52
CA THR B 182 -0.58 22.01 8.72
C THR B 182 0.71 21.73 7.96
N ILE B 183 1.01 22.56 6.95
CA ILE B 183 2.15 22.36 6.05
C ILE B 183 3.23 23.38 6.26
N LEU B 184 4.45 22.91 6.50
CA LEU B 184 5.62 23.77 6.64
C LEU B 184 6.64 23.24 5.65
N LYS B 185 7.09 24.13 4.79
CA LYS B 185 8.08 23.75 3.80
C LYS B 185 9.31 24.59 4.06
N PHE B 186 10.44 23.88 4.34
CA PHE B 186 11.74 24.45 4.62
C PHE B 186 12.71 24.21 3.48
N PHE B 187 13.26 25.32 2.94
CA PHE B 187 14.32 25.26 1.96
C PHE B 187 15.58 25.59 2.73
N LEU B 188 16.44 24.59 2.96
CA LEU B 188 17.70 24.76 3.69
C LEU B 188 18.70 25.26 2.69
N HIS B 189 19.00 26.56 2.78
CA HIS B 189 19.82 27.32 1.84
C HIS B 189 21.30 27.41 2.16
N ILE B 190 22.12 26.64 1.44
CA ILE B 190 23.60 26.68 1.62
C ILE B 190 24.26 27.33 0.41
N SER B 191 25.50 27.82 0.56
CA SER B 191 26.23 28.46 -0.53
C SER B 191 27.04 27.42 -1.33
N LYS B 192 27.47 27.80 -2.53
CA LYS B 192 28.23 26.93 -3.42
C LYS B 192 29.54 26.48 -2.77
N ASP B 193 30.26 27.45 -2.14
CA ASP B 193 31.50 27.15 -1.43
C ASP B 193 31.26 26.24 -0.22
N GLU B 194 30.19 26.48 0.58
CA GLU B 194 29.81 25.60 1.70
C GLU B 194 29.55 24.16 1.23
N GLN B 195 28.85 24.00 0.07
CA GLN B 195 28.60 22.66 -0.50
C GLN B 195 29.93 21.99 -0.86
N ARG B 196 30.88 22.74 -1.49
CA ARG B 196 32.21 22.24 -1.86
C ARG B 196 32.92 21.64 -0.63
N GLN B 197 32.95 22.38 0.49
CA GLN B 197 33.58 21.95 1.74
C GLN B 197 32.89 20.74 2.36
N ARG B 198 31.54 20.72 2.40
CA ARG B 198 30.76 19.59 2.93
C ARG B 198 30.98 18.33 2.11
N LEU B 199 31.03 18.50 0.77
CA LEU B 199 31.27 17.39 -0.16
C LEU B 199 32.68 16.85 -0.01
N GLN B 200 33.67 17.74 0.17
CA GLN B 200 35.08 17.38 0.40
C GLN B 200 35.24 16.64 1.73
N GLU B 201 34.55 17.12 2.78
CA GLU B 201 34.55 16.49 4.10
C GLU B 201 33.98 15.08 4.00
N ARG B 202 32.92 14.88 3.18
CA ARG B 202 32.30 13.58 2.92
C ARG B 202 33.24 12.61 2.21
N LEU B 203 34.17 13.12 1.38
CA LEU B 203 35.18 12.28 0.73
C LEU B 203 36.26 11.89 1.78
N ASP B 204 36.71 12.87 2.57
CA ASP B 204 37.78 12.74 3.58
C ASP B 204 37.29 12.27 4.96
N ASN B 205 36.14 11.55 4.99
CA ASN B 205 35.55 10.96 6.21
C ASN B 205 35.08 9.52 5.91
N PRO B 206 35.69 8.50 6.57
CA PRO B 206 35.28 7.11 6.29
C PRO B 206 33.88 6.72 6.80
N GLU B 207 33.36 7.42 7.83
CA GLU B 207 32.05 7.17 8.41
C GLU B 207 30.94 7.99 7.69
N LYS B 208 31.34 8.76 6.65
CA LYS B 208 30.48 9.65 5.86
C LYS B 208 30.65 9.46 4.34
N ARG B 209 31.73 8.75 3.91
CA ARG B 209 32.08 8.41 2.52
C ARG B 209 30.93 7.74 1.74
N TRP B 210 30.08 6.99 2.47
CA TRP B 210 28.92 6.28 1.94
C TRP B 210 27.84 7.19 1.39
N LYS B 211 27.75 8.45 1.90
CA LYS B 211 26.77 9.45 1.46
C LYS B 211 27.15 10.00 0.10
N PHE B 212 28.44 9.87 -0.27
CA PHE B 212 28.96 10.37 -1.54
C PHE B 212 28.90 9.38 -2.69
N ARG B 213 28.23 9.81 -3.76
CA ARG B 213 28.18 9.08 -5.02
C ARG B 213 28.82 10.02 -6.06
N MET B 214 29.29 9.48 -7.18
CA MET B 214 29.91 10.28 -8.23
C MET B 214 28.95 11.32 -8.80
N GLY B 215 27.67 10.93 -8.93
CA GLY B 215 26.57 11.75 -9.42
C GLY B 215 26.40 13.08 -8.71
N ASP B 216 26.91 13.18 -7.46
CA ASP B 216 26.91 14.37 -6.60
C ASP B 216 27.76 15.51 -7.21
N LEU B 217 28.76 15.17 -8.06
CA LEU B 217 29.64 16.08 -8.83
C LEU B 217 28.94 16.65 -10.08
N GLU B 218 28.11 15.84 -10.78
CA GLU B 218 27.33 16.28 -11.94
C GLU B 218 26.26 17.26 -11.46
N ASP B 219 25.56 16.91 -10.36
CA ASP B 219 24.57 17.81 -9.77
C ASP B 219 25.22 19.12 -9.31
N ARG B 220 26.53 19.05 -9.02
CA ARG B 220 27.33 20.19 -8.59
C ARG B 220 27.67 21.11 -9.80
N ARG B 221 27.91 20.51 -11.00
CA ARG B 221 28.14 21.22 -12.27
C ARG B 221 26.84 22.03 -12.62
N LEU B 222 25.69 21.49 -12.21
CA LEU B 222 24.37 22.05 -12.45
C LEU B 222 23.84 22.96 -11.31
N TRP B 223 24.73 23.43 -10.41
CA TRP B 223 24.40 24.29 -9.27
C TRP B 223 23.44 25.42 -9.63
N ASP B 224 23.80 26.24 -10.63
CA ASP B 224 23.03 27.39 -11.09
C ASP B 224 21.68 27.02 -11.63
N ARG B 225 21.59 25.89 -12.36
CA ARG B 225 20.31 25.42 -12.87
C ARG B 225 19.38 25.04 -11.73
N TYR B 226 19.92 24.37 -10.69
CA TYR B 226 19.18 23.97 -9.50
C TYR B 226 18.73 25.18 -8.69
N GLN B 227 19.57 26.25 -8.66
CA GLN B 227 19.21 27.46 -7.89
C GLN B 227 18.03 28.14 -8.59
N GLU B 228 18.09 28.21 -9.92
CA GLU B 228 17.01 28.77 -10.72
C GLU B 228 15.70 27.94 -10.48
N ALA B 229 15.80 26.55 -10.53
CA ALA B 229 14.64 25.65 -10.33
C ALA B 229 14.03 25.86 -8.95
N TYR B 230 14.87 26.06 -7.92
CA TYR B 230 14.42 26.34 -6.54
C TYR B 230 13.69 27.66 -6.41
N GLU B 231 14.24 28.70 -7.02
CA GLU B 231 13.64 30.03 -6.99
C GLU B 231 12.24 29.98 -7.62
N ALA B 232 12.10 29.43 -8.84
CA ALA B 232 10.81 29.32 -9.51
C ALA B 232 9.82 28.46 -8.69
N ALA B 233 10.30 27.32 -8.11
CA ALA B 233 9.42 26.44 -7.32
C ALA B 233 8.87 27.17 -6.10
N ILE B 234 9.75 27.84 -5.33
CA ILE B 234 9.40 28.60 -4.14
C ILE B 234 8.46 29.76 -4.48
N ARG B 235 8.76 30.50 -5.56
CA ARG B 235 7.96 31.64 -6.03
C ARG B 235 6.54 31.18 -6.42
N GLU B 236 6.45 30.05 -7.11
CA GLU B 236 5.18 29.52 -7.60
C GLU B 236 4.32 28.86 -6.53
N THR B 237 4.95 28.23 -5.50
CA THR B 237 4.19 27.42 -4.55
C THR B 237 4.12 27.94 -3.10
N SER B 238 4.77 29.05 -2.76
CA SER B 238 4.64 29.56 -1.40
C SER B 238 3.30 30.26 -1.28
N THR B 239 2.41 29.67 -0.46
CA THR B 239 1.04 30.17 -0.29
C THR B 239 0.74 30.42 1.18
N GLU B 240 -0.43 31.07 1.47
CA GLU B 240 -0.87 31.34 2.82
C GLU B 240 -1.11 30.04 3.57
N TYR B 241 -1.62 29.01 2.88
CA TYR B 241 -1.94 27.71 3.46
C TYR B 241 -0.77 26.77 3.49
N ALA B 242 0.27 27.01 2.67
CA ALA B 242 1.46 26.16 2.62
C ALA B 242 2.69 27.04 2.33
N PRO B 243 3.21 27.74 3.36
CA PRO B 243 4.36 28.65 3.11
C PRO B 243 5.69 27.96 2.95
N TRP B 244 6.58 28.60 2.21
CA TRP B 244 7.99 28.24 2.10
C TRP B 244 8.73 29.16 3.06
N TYR B 245 9.70 28.62 3.80
CA TYR B 245 10.63 29.33 4.66
C TYR B 245 12.00 29.07 4.10
N VAL B 246 12.77 30.15 3.85
CA VAL B 246 14.16 30.04 3.37
C VAL B 246 15.02 30.08 4.61
N ILE B 247 15.73 28.98 4.90
CA ILE B 247 16.56 28.85 6.09
C ILE B 247 18.05 29.02 5.73
N PRO B 248 18.71 30.15 6.11
CA PRO B 248 20.17 30.26 5.87
C PRO B 248 20.81 29.06 6.61
N ALA B 249 21.45 28.16 5.85
CA ALA B 249 21.86 26.90 6.45
C ALA B 249 23.34 26.60 6.41
N ASN B 250 24.19 27.59 6.14
CA ASN B 250 25.65 27.36 6.22
C ASN B 250 26.10 27.06 7.67
N LYS B 251 25.42 27.65 8.67
CA LYS B 251 25.72 27.40 10.09
C LYS B 251 24.64 26.48 10.62
N ASN B 252 25.01 25.22 10.93
CA ASN B 252 24.05 24.22 11.43
C ASN B 252 23.32 24.63 12.70
N TRP B 253 24.01 25.33 13.63
CA TRP B 253 23.41 25.81 14.88
C TRP B 253 22.28 26.77 14.58
N TYR B 254 22.46 27.60 13.57
CA TYR B 254 21.45 28.59 13.19
C TYR B 254 20.27 27.92 12.49
N ARG B 255 20.60 27.02 11.55
CA ARG B 255 19.63 26.24 10.81
C ARG B 255 18.73 25.45 11.77
N ASN B 256 19.33 24.74 12.75
CA ASN B 256 18.57 23.93 13.70
C ASN B 256 17.71 24.79 14.62
N TRP B 257 18.25 25.90 15.10
CA TRP B 257 17.51 26.82 15.96
C TRP B 257 16.28 27.43 15.22
N LEU B 258 16.51 27.94 14.01
CA LEU B 258 15.48 28.60 13.22
C LEU B 258 14.37 27.65 12.79
N VAL B 259 14.71 26.42 12.35
CA VAL B 259 13.69 25.44 11.97
C VAL B 259 12.84 25.09 13.22
N SER B 260 13.49 24.85 14.38
CA SER B 260 12.80 24.56 15.64
C SER B 260 11.88 25.70 16.05
N HIS B 261 12.35 26.96 15.97
CA HIS B 261 11.58 28.14 16.34
C HIS B 261 10.29 28.24 15.49
N ILE B 262 10.43 28.13 14.14
CA ILE B 262 9.31 28.20 13.21
C ILE B 262 8.31 27.06 13.45
N LEU B 263 8.80 25.83 13.63
CA LEU B 263 7.95 24.66 13.90
C LEU B 263 7.17 24.79 15.20
N VAL B 264 7.86 25.14 16.30
CA VAL B 264 7.28 25.31 17.62
C VAL B 264 6.19 26.41 17.58
N GLU B 265 6.50 27.59 16.98
CA GLU B 265 5.57 28.70 16.86
C GLU B 265 4.26 28.26 16.09
N THR B 266 4.43 27.50 14.98
CA THR B 266 3.32 27.00 14.19
C THR B 266 2.43 26.04 15.02
N LEU B 267 3.02 25.07 15.71
CA LEU B 267 2.28 24.13 16.54
C LEU B 267 1.57 24.80 17.70
N GLU B 268 2.19 25.84 18.31
CA GLU B 268 1.60 26.63 19.40
C GLU B 268 0.32 27.34 18.94
N GLY B 269 0.33 27.79 17.68
CA GLY B 269 -0.78 28.46 17.06
C GLY B 269 -2.02 27.59 16.89
N LEU B 270 -1.84 26.26 16.86
CA LEU B 270 -2.95 25.31 16.71
C LEU B 270 -3.81 25.23 17.97
N ALA B 271 -3.28 25.71 19.12
CA ALA B 271 -3.95 25.69 20.41
C ALA B 271 -4.55 24.29 20.72
N MET B 272 -3.71 23.27 20.58
CA MET B 272 -4.09 21.89 20.83
C MET B 272 -4.37 21.62 22.31
N GLN B 273 -5.27 20.70 22.61
CA GLN B 273 -5.58 20.38 24.02
C GLN B 273 -5.68 18.88 24.20
N TYR B 274 -5.39 18.37 25.40
CA TYR B 274 -5.55 16.95 25.72
C TYR B 274 -7.07 16.62 25.76
N PRO B 275 -7.50 15.42 25.30
CA PRO B 275 -8.93 15.07 25.39
C PRO B 275 -9.48 14.93 26.82
N GLN B 276 -10.84 14.96 26.99
CA GLN B 276 -11.54 14.86 28.27
C GLN B 276 -11.28 13.54 29.01
N ILE B 284 -14.99 5.42 40.24
CA ILE B 284 -14.51 4.13 39.76
C ILE B 284 -13.15 3.79 40.40
N VAL B 285 -13.06 2.58 40.97
CA VAL B 285 -11.85 2.06 41.62
C VAL B 285 -11.54 0.67 41.06
N ILE B 286 -10.31 0.47 40.53
CA ILE B 286 -9.85 -0.80 39.97
C ILE B 286 -9.58 -1.80 41.09
N GLU B 287 -10.18 -3.00 41.00
CA GLU B 287 -10.04 -4.07 41.98
C GLU B 287 -8.83 -4.96 41.71
N MET C 21 22.67 -12.18 32.01
CA MET C 21 22.02 -11.22 31.09
C MET C 21 21.16 -11.99 30.08
N LYS C 22 21.75 -12.98 29.36
CA LYS C 22 20.96 -13.80 28.43
C LYS C 22 20.60 -15.19 29.06
N LYS C 23 20.02 -15.06 30.27
CA LYS C 23 19.38 -16.03 31.16
C LYS C 23 17.88 -15.73 30.95
N TYR C 24 17.62 -14.54 30.38
CA TYR C 24 16.30 -14.01 30.01
C TYR C 24 15.86 -14.48 28.62
N ARG C 25 16.78 -15.01 27.80
CA ARG C 25 16.47 -15.60 26.48
C ARG C 25 15.82 -16.98 26.72
N VAL C 26 14.66 -17.21 26.10
CA VAL C 26 13.89 -18.44 26.19
C VAL C 26 14.42 -19.45 25.17
N GLN C 27 15.03 -20.53 25.69
CA GLN C 27 15.62 -21.60 24.91
C GLN C 27 14.57 -22.35 24.09
N PRO C 28 14.90 -22.77 22.84
CA PRO C 28 13.92 -23.50 22.02
C PRO C 28 13.87 -24.99 22.41
N ASP C 29 13.33 -25.28 23.60
CA ASP C 29 13.20 -26.65 24.13
C ASP C 29 11.75 -27.03 24.49
N GLY C 30 10.80 -26.11 24.24
CA GLY C 30 9.38 -26.28 24.55
C GLY C 30 9.08 -26.58 26.01
N ARG C 31 9.95 -26.12 26.92
CA ARG C 31 9.81 -26.35 28.36
C ARG C 31 9.70 -25.02 29.15
N PHE C 32 9.39 -23.91 28.43
CA PHE C 32 9.24 -22.59 29.04
C PHE C 32 8.09 -22.57 30.07
N GLU C 33 8.37 -21.99 31.26
CA GLU C 33 7.42 -21.79 32.35
C GLU C 33 7.53 -20.36 32.82
N LEU C 34 6.46 -19.59 32.65
CA LEU C 34 6.42 -18.17 33.04
C LEU C 34 6.63 -17.96 34.56
N LYS C 35 6.27 -18.97 35.39
CA LYS C 35 6.42 -18.95 36.86
C LYS C 35 7.89 -18.77 37.30
N ARG C 36 8.85 -19.25 36.49
CA ARG C 36 10.30 -19.15 36.71
C ARG C 36 10.80 -17.70 36.54
N PHE C 37 9.94 -16.77 36.09
CA PHE C 37 10.35 -15.39 35.89
C PHE C 37 9.57 -14.47 36.82
N ASP C 38 10.29 -13.74 37.66
CA ASP C 38 9.69 -12.84 38.64
C ASP C 38 9.67 -11.43 38.06
N PRO C 39 8.50 -10.75 37.97
CA PRO C 39 8.47 -9.36 37.47
C PRO C 39 9.32 -8.38 38.29
N ASP C 40 9.57 -8.66 39.60
CA ASP C 40 10.37 -7.83 40.53
C ASP C 40 11.89 -8.09 40.50
N ASP C 41 12.32 -9.15 39.78
CA ASP C 41 13.72 -9.55 39.63
C ASP C 41 14.57 -8.45 38.98
N THR C 42 15.72 -8.12 39.59
CA THR C 42 16.67 -7.10 39.10
C THR C 42 18.11 -7.63 39.21
N SER C 43 18.25 -8.97 39.37
CA SER C 43 19.51 -9.67 39.61
C SER C 43 20.62 -9.46 38.57
N ALA C 44 20.28 -9.17 37.29
CA ALA C 44 21.32 -8.94 36.26
C ALA C 44 22.03 -7.60 36.39
N PHE C 45 21.50 -6.67 37.20
CA PHE C 45 22.15 -5.40 37.43
C PHE C 45 22.61 -5.27 38.88
N GLU C 46 23.93 -5.09 39.09
CA GLU C 46 24.50 -4.97 40.43
C GLU C 46 24.44 -3.53 40.95
N GLY C 47 23.23 -3.11 41.27
CA GLY C 47 22.94 -1.79 41.80
C GLY C 47 21.47 -1.47 41.72
N GLY C 48 21.16 -0.21 41.96
CA GLY C 48 19.80 0.28 41.93
C GLY C 48 19.54 1.27 40.80
N LYS C 49 18.44 2.01 40.93
CA LYS C 49 17.93 2.98 39.96
C LYS C 49 18.98 3.93 39.42
N GLN C 50 19.70 4.63 40.29
CA GLN C 50 20.67 5.65 39.89
C GLN C 50 21.84 5.10 39.08
N ALA C 51 22.43 3.96 39.48
CA ALA C 51 23.55 3.40 38.72
C ALA C 51 23.08 2.89 37.34
N ALA C 52 21.86 2.30 37.28
CA ALA C 52 21.29 1.78 36.05
C ALA C 52 20.98 2.88 35.06
N LEU C 53 20.57 4.08 35.54
CA LEU C 53 20.26 5.21 34.65
C LEU C 53 21.52 5.71 33.93
N GLU C 54 22.68 5.70 34.62
CA GLU C 54 23.98 6.07 34.03
C GLU C 54 24.35 5.00 32.99
N ALA C 55 24.16 3.70 33.35
CA ALA C 55 24.46 2.55 32.51
C ALA C 55 23.60 2.58 31.25
N LEU C 56 22.32 2.98 31.38
CA LEU C 56 21.35 3.12 30.29
C LEU C 56 21.77 4.22 29.31
N ALA C 57 22.22 5.36 29.86
CA ALA C 57 22.70 6.52 29.10
C ALA C 57 23.85 6.09 28.15
N VAL C 58 24.79 5.26 28.66
CA VAL C 58 25.94 4.72 27.93
C VAL C 58 25.43 3.82 26.78
N LEU C 59 24.51 2.88 27.08
CA LEU C 59 23.93 1.98 26.08
C LEU C 59 23.15 2.74 25.02
N ASN C 60 22.38 3.76 25.43
CA ASN C 60 21.59 4.59 24.50
C ASN C 60 22.46 5.28 23.45
N ARG C 61 23.60 5.86 23.87
CA ARG C 61 24.54 6.51 22.96
C ARG C 61 25.18 5.46 22.01
N ARG C 62 25.47 4.21 22.49
CA ARG C 62 25.98 3.09 21.67
C ARG C 62 24.89 2.69 20.64
N LEU C 63 23.62 2.65 21.09
CA LEU C 63 22.47 2.34 20.24
C LEU C 63 22.34 3.36 19.10
N GLU C 64 22.49 4.67 19.40
CA GLU C 64 22.44 5.72 18.39
C GLU C 64 23.51 5.46 17.35
N LYS C 65 24.75 5.14 17.79
CA LYS C 65 25.87 4.85 16.88
C LYS C 65 25.65 3.56 16.05
N LEU C 66 25.08 2.51 16.66
CA LEU C 66 24.81 1.25 15.97
C LEU C 66 23.71 1.42 14.94
N GLN C 67 22.71 2.28 15.23
CA GLN C 67 21.63 2.56 14.26
C GLN C 67 22.22 3.33 13.04
N GLU C 68 23.09 4.33 13.28
CA GLU C 68 23.73 5.08 12.20
C GLU C 68 24.47 4.11 11.24
N LEU C 69 25.16 3.07 11.78
CA LEU C 69 25.88 2.01 11.07
C LEU C 69 24.95 1.11 10.22
N LEU C 70 23.85 0.67 10.84
CA LEU C 70 22.81 -0.16 10.25
C LEU C 70 22.24 0.51 8.99
N TYR C 71 21.89 1.81 9.12
CA TYR C 71 21.33 2.63 8.08
C TYR C 71 22.33 2.83 6.94
N ALA C 72 23.57 3.20 7.28
CA ALA C 72 24.66 3.44 6.34
C ALA C 72 25.01 2.19 5.57
N GLU C 73 25.17 1.03 6.25
CA GLU C 73 25.48 -0.26 5.63
C GLU C 73 24.33 -0.69 4.69
N GLY C 74 23.08 -0.49 5.13
CA GLY C 74 21.86 -0.73 4.38
C GLY C 74 21.66 -2.15 3.89
N GLN C 75 22.07 -3.13 4.71
CA GLN C 75 21.93 -4.56 4.36
C GLN C 75 21.03 -5.33 5.32
N HIS C 76 21.19 -5.13 6.64
CA HIS C 76 20.38 -5.81 7.64
C HIS C 76 19.06 -5.10 7.85
N LYS C 77 18.07 -5.85 8.32
CA LYS C 77 16.73 -5.37 8.69
C LYS C 77 16.57 -5.80 10.14
N VAL C 78 16.17 -4.86 11.01
CA VAL C 78 16.05 -5.20 12.43
C VAL C 78 14.62 -5.06 12.86
N LEU C 79 14.05 -6.16 13.43
CA LEU C 79 12.67 -6.19 13.93
C LEU C 79 12.64 -6.44 15.43
N VAL C 80 12.09 -5.47 16.16
CA VAL C 80 11.91 -5.52 17.61
C VAL C 80 10.41 -5.66 17.86
N VAL C 81 10.02 -6.76 18.50
CA VAL C 81 8.62 -7.02 18.85
C VAL C 81 8.42 -6.75 20.34
N LEU C 82 7.45 -5.89 20.66
CA LEU C 82 7.06 -5.62 22.05
C LEU C 82 5.66 -6.18 22.32
N GLN C 83 5.57 -7.04 23.34
CA GLN C 83 4.33 -7.65 23.82
C GLN C 83 4.37 -7.54 25.33
N ALA C 84 3.19 -7.30 25.94
CA ALA C 84 3.03 -7.15 27.39
C ALA C 84 1.54 -7.18 27.76
N MET C 85 1.24 -7.32 29.07
CA MET C 85 -0.14 -7.16 29.57
C MET C 85 -0.44 -5.64 29.47
N ASP C 86 -1.73 -5.23 29.51
CA ASP C 86 -2.05 -3.79 29.41
C ASP C 86 -1.32 -3.04 30.51
N ALA C 87 -0.68 -1.88 30.16
CA ALA C 87 0.14 -1.05 31.06
C ALA C 87 1.47 -1.73 31.45
N GLY C 88 1.87 -2.73 30.66
CA GLY C 88 3.11 -3.48 30.84
C GLY C 88 4.40 -2.77 30.48
N GLY C 89 4.30 -1.56 29.88
CA GLY C 89 5.43 -0.71 29.55
C GLY C 89 5.86 -0.64 28.10
N LYS C 90 4.98 -0.97 27.13
CA LYS C 90 5.35 -0.91 25.72
C LYS C 90 5.71 0.51 25.25
N ASP C 91 4.83 1.50 25.50
CA ASP C 91 5.10 2.89 25.10
C ASP C 91 6.34 3.45 25.79
N GLY C 92 6.45 3.21 27.11
CA GLY C 92 7.59 3.61 27.94
C GLY C 92 8.91 3.11 27.37
N THR C 93 8.95 1.81 26.96
CA THR C 93 10.12 1.19 26.37
C THR C 93 10.54 1.91 25.09
N ILE C 94 9.61 2.13 24.17
CA ILE C 94 9.88 2.85 22.91
C ILE C 94 10.50 4.24 23.18
N ARG C 95 9.78 5.10 23.96
CA ARG C 95 10.22 6.49 24.28
C ARG C 95 11.61 6.55 24.91
N VAL C 96 11.92 5.64 25.86
CA VAL C 96 13.21 5.64 26.55
C VAL C 96 14.33 4.91 25.80
N VAL C 97 14.10 3.65 25.36
CA VAL C 97 15.16 2.89 24.69
C VAL C 97 15.62 3.58 23.41
N PHE C 98 14.68 4.13 22.62
CA PHE C 98 14.97 4.74 21.33
C PHE C 98 15.12 6.25 21.39
N ASP C 99 15.24 6.82 22.61
CA ASP C 99 15.45 8.25 22.81
C ASP C 99 16.76 8.72 22.11
N GLY C 100 16.59 9.69 21.20
CA GLY C 100 17.69 10.26 20.45
C GLY C 100 18.11 9.47 19.23
N VAL C 101 17.51 8.26 18.99
CA VAL C 101 17.85 7.46 17.82
C VAL C 101 17.18 8.14 16.59
N ASN C 102 17.98 8.38 15.52
CA ASN C 102 17.55 9.06 14.31
C ASN C 102 16.19 8.59 13.76
N PRO C 103 15.21 9.51 13.66
CA PRO C 103 13.87 9.14 13.16
C PRO C 103 13.88 8.55 11.74
N SER C 104 14.86 8.93 10.91
CA SER C 104 15.01 8.43 9.54
C SER C 104 15.23 6.91 9.48
N GLY C 105 15.76 6.31 10.54
CA GLY C 105 16.06 4.88 10.56
C GLY C 105 15.27 4.04 11.54
N VAL C 106 14.35 4.65 12.29
CA VAL C 106 13.56 3.92 13.27
C VAL C 106 12.09 4.22 13.04
N ARG C 107 11.27 3.16 13.02
CA ARG C 107 9.83 3.24 12.76
C ARG C 107 9.03 2.39 13.71
N VAL C 108 7.88 2.90 14.15
CA VAL C 108 6.96 2.14 15.02
C VAL C 108 5.75 1.76 14.21
N ALA C 109 5.32 0.49 14.33
CA ALA C 109 4.13 -0.07 13.72
C ALA C 109 3.30 -0.61 14.88
N SER C 110 2.15 0.00 15.11
CA SER C 110 1.22 -0.40 16.17
C SER C 110 0.12 -1.26 15.59
N PHE C 111 -0.22 -2.36 16.27
CA PHE C 111 -1.29 -3.27 15.82
C PHE C 111 -2.48 -3.24 16.78
N GLY C 112 -3.57 -2.66 16.32
CA GLY C 112 -4.81 -2.56 17.06
C GLY C 112 -5.89 -3.51 16.57
N VAL C 113 -7.14 -3.16 16.87
CA VAL C 113 -8.30 -3.95 16.48
C VAL C 113 -8.36 -4.02 14.97
N PRO C 114 -8.32 -5.26 14.40
CA PRO C 114 -8.35 -5.38 12.92
C PRO C 114 -9.56 -4.71 12.25
N THR C 115 -9.33 -4.02 11.14
CA THR C 115 -10.39 -3.40 10.35
C THR C 115 -11.02 -4.48 9.43
N GLU C 116 -12.13 -4.13 8.76
CA GLU C 116 -12.80 -5.06 7.85
C GLU C 116 -11.84 -5.42 6.69
N GLN C 117 -11.07 -4.45 6.17
CA GLN C 117 -10.06 -4.66 5.11
C GLN C 117 -9.00 -5.67 5.55
N GLU C 118 -8.54 -5.57 6.81
CA GLU C 118 -7.52 -6.43 7.40
C GLU C 118 -8.02 -7.83 7.66
N LEU C 119 -9.29 -7.96 8.13
CA LEU C 119 -9.94 -9.25 8.40
C LEU C 119 -10.29 -9.99 7.13
N ALA C 120 -10.43 -9.28 5.98
CA ALA C 120 -10.75 -9.88 4.69
C ALA C 120 -9.57 -10.66 4.06
N ARG C 121 -8.36 -10.53 4.66
CA ARG C 121 -7.16 -11.26 4.25
C ARG C 121 -6.71 -12.03 5.48
N ASP C 122 -5.70 -12.91 5.33
CA ASP C 122 -5.16 -13.70 6.45
C ASP C 122 -4.58 -12.75 7.51
N TYR C 123 -4.57 -13.19 8.79
CA TYR C 123 -4.07 -12.37 9.90
C TYR C 123 -2.62 -11.86 9.70
N LEU C 124 -1.79 -12.56 8.87
CA LEU C 124 -0.39 -12.12 8.67
C LEU C 124 -0.24 -11.01 7.61
N TRP C 125 -1.25 -10.79 6.77
CA TRP C 125 -1.21 -9.78 5.71
C TRP C 125 -0.89 -8.38 6.23
N ARG C 126 -1.61 -7.89 7.23
CA ARG C 126 -1.40 -6.54 7.78
C ARG C 126 -0.06 -6.36 8.46
N VAL C 127 0.46 -7.47 9.01
CA VAL C 127 1.72 -7.55 9.74
C VAL C 127 2.89 -7.56 8.73
N HIS C 128 2.83 -8.48 7.73
CA HIS C 128 3.86 -8.58 6.72
C HIS C 128 4.11 -7.21 6.02
N GLN C 129 3.05 -6.39 5.78
N GLN C 129 3.03 -6.41 5.83
CA GLN C 129 3.21 -5.09 5.13
CA GLN C 129 3.02 -5.08 5.21
C GLN C 129 4.18 -4.20 5.88
C GLN C 129 4.01 -4.13 5.89
N GLN C 130 4.16 -4.26 7.23
CA GLN C 130 4.97 -3.39 8.10
C GLN C 130 6.39 -3.83 8.40
N VAL C 131 6.85 -5.00 7.92
CA VAL C 131 8.20 -5.51 8.24
C VAL C 131 9.30 -4.48 7.90
N PRO C 132 10.43 -4.44 8.66
CA PRO C 132 11.50 -3.49 8.30
C PRO C 132 12.13 -3.78 6.93
N ARG C 133 12.54 -2.72 6.24
CA ARG C 133 13.29 -2.82 4.98
C ARG C 133 14.79 -2.80 5.35
N LYS C 134 15.68 -2.98 4.36
CA LYS C 134 17.13 -2.95 4.55
C LYS C 134 17.58 -1.62 5.14
N GLY C 135 18.40 -1.68 6.17
CA GLY C 135 18.94 -0.52 6.88
C GLY C 135 18.00 0.13 7.88
N GLU C 136 16.83 -0.47 8.09
CA GLU C 136 15.76 0.03 8.97
C GLU C 136 15.58 -0.81 10.24
N LEU C 137 15.21 -0.12 11.33
CA LEU C 137 14.88 -0.73 12.60
C LEU C 137 13.42 -0.43 12.86
N VAL C 138 12.62 -1.50 12.95
CA VAL C 138 11.18 -1.40 13.18
C VAL C 138 10.81 -2.01 14.51
N ILE C 139 9.92 -1.29 15.24
CA ILE C 139 9.34 -1.73 16.50
C ILE C 139 7.87 -2.03 16.25
N PHE C 140 7.47 -3.25 16.62
CA PHE C 140 6.09 -3.71 16.57
C PHE C 140 5.56 -3.49 17.99
N ASN C 141 4.67 -2.49 18.14
CA ASN C 141 4.00 -2.23 19.39
C ASN C 141 2.75 -3.09 19.27
N ARG C 142 2.81 -4.33 19.81
CA ARG C 142 1.86 -5.45 19.58
C ARG C 142 2.21 -5.98 18.18
N SER C 143 1.71 -7.17 17.81
CA SER C 143 2.13 -7.80 16.57
C SER C 143 1.19 -8.90 16.14
N HIS C 144 1.71 -9.75 15.24
CA HIS C 144 1.07 -10.98 14.76
C HIS C 144 0.77 -11.94 15.94
N TYR C 145 1.41 -11.71 17.12
CA TYR C 145 1.20 -12.51 18.33
C TYR C 145 -0.17 -12.35 18.88
N GLU C 146 -0.82 -11.17 18.68
CA GLU C 146 -2.20 -10.95 19.14
C GLU C 146 -3.18 -12.02 18.57
N ASP C 147 -2.80 -12.64 17.44
CA ASP C 147 -3.59 -13.65 16.77
C ASP C 147 -3.44 -15.04 17.41
N VAL C 148 -2.77 -15.12 18.57
CA VAL C 148 -2.68 -16.32 19.42
C VAL C 148 -2.81 -15.89 20.90
N LEU C 149 -3.14 -14.60 21.12
CA LEU C 149 -3.29 -14.02 22.45
C LEU C 149 -4.74 -13.63 22.70
N VAL C 150 -5.16 -12.40 22.29
CA VAL C 150 -6.55 -11.91 22.44
C VAL C 150 -7.55 -12.89 21.73
N VAL C 151 -7.18 -13.39 20.53
CA VAL C 151 -7.93 -14.36 19.69
C VAL C 151 -8.17 -15.68 20.45
N ARG C 152 -7.16 -16.18 21.15
CA ARG C 152 -7.24 -17.40 21.95
C ARG C 152 -8.09 -17.13 23.22
N VAL C 153 -7.70 -16.10 24.02
CA VAL C 153 -8.34 -15.73 25.30
C VAL C 153 -9.85 -15.45 25.19
N LYS C 154 -10.25 -14.66 24.18
CA LYS C 154 -11.64 -14.27 23.95
C LYS C 154 -12.39 -15.19 22.96
N ASN C 155 -11.73 -16.30 22.51
CA ASN C 155 -12.22 -17.32 21.56
C ASN C 155 -12.83 -16.70 20.31
N LEU C 156 -12.08 -15.78 19.66
CA LEU C 156 -12.50 -15.08 18.45
C LEU C 156 -12.53 -16.01 17.23
N VAL C 157 -11.78 -17.12 17.34
CA VAL C 157 -11.71 -18.22 16.37
C VAL C 157 -11.65 -19.50 17.23
N PRO C 158 -12.06 -20.69 16.69
CA PRO C 158 -11.94 -21.92 17.50
C PRO C 158 -10.47 -22.33 17.64
N GLN C 159 -10.19 -23.15 18.66
CA GLN C 159 -8.89 -23.71 18.99
C GLN C 159 -8.27 -24.38 17.79
N GLN C 160 -9.08 -25.08 16.97
CA GLN C 160 -8.65 -25.77 15.76
C GLN C 160 -7.96 -24.79 14.81
N VAL C 161 -8.45 -23.55 14.74
CA VAL C 161 -7.87 -22.49 13.92
C VAL C 161 -6.59 -21.90 14.54
N TRP C 162 -6.67 -21.33 15.76
CA TRP C 162 -5.52 -20.62 16.34
C TRP C 162 -4.36 -21.55 16.73
N GLN C 163 -4.60 -22.85 17.02
CA GLN C 163 -3.53 -23.81 17.39
C GLN C 163 -2.54 -23.98 16.22
N LYS C 164 -3.02 -23.88 14.98
CA LYS C 164 -2.22 -23.98 13.76
C LYS C 164 -1.32 -22.77 13.56
N ARG C 165 -1.64 -21.63 14.18
CA ARG C 165 -0.93 -20.37 14.00
C ARG C 165 0.47 -20.33 14.61
N TYR C 166 0.79 -21.20 15.58
CA TYR C 166 2.14 -21.23 16.15
C TYR C 166 3.14 -21.62 15.09
N ARG C 167 2.80 -22.62 14.27
CA ARG C 167 3.62 -23.06 13.15
C ARG C 167 3.74 -21.97 12.10
N HIS C 168 2.60 -21.32 11.73
CA HIS C 168 2.58 -20.23 10.74
C HIS C 168 3.61 -19.20 11.15
N ILE C 169 3.56 -18.78 12.44
CA ILE C 169 4.46 -17.77 13.03
C ILE C 169 5.93 -18.20 13.00
N ARG C 170 6.26 -19.45 13.40
CA ARG C 170 7.63 -19.96 13.37
C ARG C 170 8.21 -19.90 11.96
N GLU C 171 7.41 -20.33 10.99
CA GLU C 171 7.78 -20.38 9.57
C GLU C 171 7.82 -19.01 8.89
N PHE C 172 6.96 -18.09 9.33
CA PHE C 172 6.96 -16.72 8.81
C PHE C 172 8.25 -16.02 9.30
N GLU C 173 8.59 -16.23 10.60
CA GLU C 173 9.76 -15.65 11.21
C GLU C 173 11.04 -16.26 10.64
N ARG C 174 11.01 -17.57 10.30
CA ARG C 174 12.15 -18.27 9.70
C ARG C 174 12.45 -17.66 8.34
N MET C 175 11.40 -17.40 7.55
CA MET C 175 11.52 -16.81 6.23
C MET C 175 12.16 -15.43 6.37
N LEU C 176 11.63 -14.60 7.27
CA LEU C 176 12.13 -13.25 7.55
C LEU C 176 13.59 -13.29 7.95
N ALA C 177 13.97 -14.19 8.89
CA ALA C 177 15.35 -14.33 9.36
C ALA C 177 16.26 -14.79 8.20
N ASP C 178 15.86 -15.82 7.47
CA ASP C 178 16.63 -16.34 6.34
C ASP C 178 16.89 -15.26 5.29
N GLU C 179 15.90 -14.37 5.09
CA GLU C 179 15.99 -13.32 4.07
C GLU C 179 16.67 -12.02 4.57
N GLY C 180 17.20 -12.04 5.79
CA GLY C 180 18.00 -10.96 6.33
C GLY C 180 17.50 -10.16 7.49
N THR C 181 16.41 -10.59 8.16
CA THR C 181 15.88 -9.84 9.33
C THR C 181 16.43 -10.41 10.64
N THR C 182 16.94 -9.53 11.53
CA THR C 182 17.35 -9.87 12.88
C THR C 182 16.10 -9.60 13.75
N ILE C 183 15.58 -10.66 14.40
CA ILE C 183 14.34 -10.58 15.17
C ILE C 183 14.58 -10.70 16.66
N LEU C 184 14.08 -9.73 17.41
CA LEU C 184 14.15 -9.71 18.88
C LEU C 184 12.73 -9.54 19.37
N LYS C 185 12.28 -10.49 20.18
CA LYS C 185 10.95 -10.41 20.72
C LYS C 185 11.06 -10.29 22.23
N PHE C 186 10.51 -9.18 22.76
CA PHE C 186 10.51 -8.86 24.18
C PHE C 186 9.12 -9.00 24.79
N PHE C 187 9.02 -9.83 25.82
CA PHE C 187 7.81 -9.94 26.61
C PHE C 187 8.08 -9.15 27.89
N LEU C 188 7.45 -7.98 28.03
CA LEU C 188 7.63 -7.13 29.21
C LEU C 188 6.69 -7.67 30.27
N HIS C 189 7.29 -8.38 31.25
CA HIS C 189 6.61 -9.11 32.30
C HIS C 189 6.35 -8.32 33.60
N ILE C 190 5.09 -7.91 33.82
CA ILE C 190 4.68 -7.21 35.04
C ILE C 190 3.77 -8.11 35.86
N SER C 191 3.62 -7.84 37.16
CA SER C 191 2.76 -8.62 38.05
C SER C 191 1.32 -8.09 38.03
N LYS C 192 0.37 -8.91 38.51
CA LYS C 192 -1.06 -8.55 38.58
C LYS C 192 -1.27 -7.28 39.41
N ASP C 193 -0.60 -7.21 40.59
CA ASP C 193 -0.64 -6.05 41.49
C ASP C 193 -0.05 -4.80 40.84
N GLU C 194 1.09 -4.94 40.12
CA GLU C 194 1.73 -3.82 39.42
C GLU C 194 0.75 -3.24 38.37
N GLN C 195 0.01 -4.12 37.64
CA GLN C 195 -1.02 -3.71 36.67
C GLN C 195 -2.13 -2.89 37.39
N ARG C 196 -2.68 -3.42 38.51
CA ARG C 196 -3.72 -2.77 39.33
C ARG C 196 -3.32 -1.31 39.56
N GLN C 197 -2.11 -1.11 40.09
CA GLN C 197 -1.46 0.15 40.39
C GLN C 197 -1.32 1.06 39.18
N ARG C 198 -0.84 0.52 38.04
CA ARG C 198 -0.57 1.32 36.85
C ARG C 198 -1.83 1.86 36.17
N LEU C 199 -2.88 1.02 36.04
CA LEU C 199 -4.17 1.43 35.46
C LEU C 199 -4.85 2.46 36.37
N GLN C 200 -4.80 2.25 37.70
CA GLN C 200 -5.37 3.17 38.70
C GLN C 200 -4.73 4.55 38.58
N GLU C 201 -3.40 4.59 38.43
CA GLU C 201 -2.64 5.82 38.26
C GLU C 201 -3.07 6.51 36.97
N ARG C 202 -3.16 5.76 35.85
CA ARG C 202 -3.56 6.27 34.53
C ARG C 202 -4.99 6.85 34.52
N LEU C 203 -5.88 6.25 35.33
CA LEU C 203 -7.28 6.68 35.51
C LEU C 203 -7.40 7.87 36.51
N ASP C 204 -6.26 8.46 36.92
CA ASP C 204 -6.20 9.60 37.83
C ASP C 204 -5.51 10.82 37.21
N ASN C 205 -4.36 10.61 36.52
CA ASN C 205 -3.59 11.66 35.83
C ASN C 205 -4.36 12.21 34.61
N PRO C 206 -4.79 13.51 34.65
CA PRO C 206 -5.58 14.08 33.54
C PRO C 206 -4.87 14.16 32.19
N GLU C 207 -3.51 14.10 32.19
CA GLU C 207 -2.71 14.12 30.98
C GLU C 207 -2.47 12.70 30.43
N LYS C 208 -3.04 11.68 31.10
CA LYS C 208 -2.94 10.26 30.75
C LYS C 208 -4.30 9.53 30.71
N ARG C 209 -5.39 10.18 31.22
CA ARG C 209 -6.75 9.64 31.27
C ARG C 209 -7.32 9.23 29.89
N TRP C 210 -6.78 9.85 28.81
CA TRP C 210 -7.14 9.57 27.43
C TRP C 210 -6.68 8.17 26.98
N LYS C 211 -5.59 7.66 27.60
CA LYS C 211 -5.01 6.34 27.32
C LYS C 211 -5.97 5.24 27.78
N PHE C 212 -6.66 5.46 28.92
CA PHE C 212 -7.58 4.50 29.51
C PHE C 212 -8.79 4.21 28.66
N ARG C 213 -9.06 2.91 28.50
CA ARG C 213 -10.17 2.30 27.77
C ARG C 213 -10.99 1.48 28.78
N MET C 214 -12.34 1.49 28.66
CA MET C 214 -13.20 0.68 29.53
C MET C 214 -13.00 -0.84 29.34
N GLY C 215 -12.45 -1.21 28.17
CA GLY C 215 -12.14 -2.58 27.80
C GLY C 215 -11.01 -3.19 28.61
N ASP C 216 -10.14 -2.33 29.22
CA ASP C 216 -9.02 -2.74 30.06
C ASP C 216 -9.45 -3.47 31.35
N LEU C 217 -10.71 -3.28 31.77
CA LEU C 217 -11.23 -3.92 32.98
C LEU C 217 -11.70 -5.35 32.74
N GLU C 218 -12.06 -5.69 31.49
CA GLU C 218 -12.50 -7.06 31.11
C GLU C 218 -11.26 -7.93 30.83
N ASP C 219 -10.20 -7.31 30.27
CA ASP C 219 -8.91 -7.97 29.97
C ASP C 219 -8.19 -8.31 31.27
N ARG C 220 -8.38 -7.47 32.32
CA ARG C 220 -7.80 -7.67 33.66
C ARG C 220 -8.51 -8.87 34.35
N ARG C 221 -9.81 -9.04 34.08
CA ARG C 221 -10.65 -10.13 34.61
C ARG C 221 -10.15 -11.48 34.01
N LEU C 222 -9.55 -11.42 32.80
CA LEU C 222 -8.97 -12.57 32.09
C LEU C 222 -7.45 -12.70 32.25
N TRP C 223 -6.85 -11.99 33.22
CA TRP C 223 -5.41 -12.01 33.55
C TRP C 223 -4.78 -13.39 33.40
N ASP C 224 -5.35 -14.41 34.06
CA ASP C 224 -4.86 -15.79 34.05
C ASP C 224 -4.89 -16.46 32.69
N ARG C 225 -5.97 -16.25 31.91
CA ARG C 225 -6.09 -16.78 30.54
C ARG C 225 -5.06 -16.10 29.62
N TYR C 226 -4.73 -14.80 29.87
CA TYR C 226 -3.69 -14.09 29.10
C TYR C 226 -2.29 -14.59 29.46
N GLN C 227 -2.06 -14.92 30.74
CA GLN C 227 -0.77 -15.41 31.20
C GLN C 227 -0.51 -16.79 30.60
N GLU C 228 -1.57 -17.64 30.56
CA GLU C 228 -1.51 -18.96 29.94
C GLU C 228 -1.22 -18.81 28.45
N ALA C 229 -1.90 -17.86 27.77
CA ALA C 229 -1.72 -17.61 26.33
C ALA C 229 -0.27 -17.21 26.05
N TYR C 230 0.27 -16.32 26.87
CA TYR C 230 1.63 -15.84 26.74
C TYR C 230 2.62 -16.95 26.91
N GLU C 231 2.44 -17.78 27.94
CA GLU C 231 3.30 -18.92 28.20
C GLU C 231 3.31 -19.86 26.98
N ALA C 232 2.12 -20.27 26.49
CA ALA C 232 1.98 -21.13 25.30
C ALA C 232 2.67 -20.49 24.08
N ALA C 233 2.36 -19.21 23.79
CA ALA C 233 2.95 -18.48 22.64
C ALA C 233 4.47 -18.44 22.69
N ILE C 234 5.02 -18.11 23.86
CA ILE C 234 6.46 -18.01 24.07
C ILE C 234 7.13 -19.37 23.93
N ARG C 235 6.53 -20.40 24.52
CA ARG C 235 7.00 -21.80 24.47
C ARG C 235 7.02 -22.29 23.03
N GLU C 236 5.98 -21.98 22.26
CA GLU C 236 5.84 -22.44 20.88
C GLU C 236 6.69 -21.72 19.85
N THR C 237 6.98 -20.43 20.06
CA THR C 237 7.64 -19.63 19.03
C THR C 237 9.07 -19.13 19.37
N SER C 238 9.60 -19.39 20.57
CA SER C 238 10.97 -18.95 20.83
C SER C 238 11.91 -19.92 20.13
N THR C 239 12.60 -19.41 19.11
CA THR C 239 13.51 -20.21 18.28
C THR C 239 14.91 -19.60 18.27
N GLU C 240 15.90 -20.35 17.73
CA GLU C 240 17.28 -19.91 17.57
C GLU C 240 17.33 -18.68 16.68
N TYR C 241 16.50 -18.62 15.61
CA TYR C 241 16.47 -17.51 14.67
C TYR C 241 15.60 -16.33 15.12
N ALA C 242 14.65 -16.57 16.03
CA ALA C 242 13.75 -15.54 16.55
C ALA C 242 13.48 -15.81 18.04
N PRO C 243 14.43 -15.44 18.93
CA PRO C 243 14.22 -15.72 20.36
C PRO C 243 13.24 -14.77 21.07
N TRP C 244 12.64 -15.28 22.13
CA TRP C 244 11.83 -14.50 23.05
C TRP C 244 12.73 -14.21 24.25
N TYR C 245 12.64 -13.01 24.81
CA TYR C 245 13.30 -12.57 26.03
C TYR C 245 12.20 -12.15 26.97
N VAL C 246 12.21 -12.69 28.19
CA VAL C 246 11.26 -12.32 29.25
C VAL C 246 11.97 -11.21 30.07
N ILE C 247 11.37 -10.02 30.07
CA ILE C 247 11.93 -8.86 30.74
C ILE C 247 11.16 -8.59 32.05
N PRO C 248 11.75 -8.82 33.27
CA PRO C 248 11.05 -8.43 34.51
C PRO C 248 10.82 -6.92 34.41
N ALA C 249 9.54 -6.50 34.38
CA ALA C 249 9.25 -5.12 34.03
C ALA C 249 8.51 -4.31 35.08
N ASN C 250 8.46 -4.78 36.35
CA ASN C 250 7.85 -3.99 37.41
C ASN C 250 8.65 -2.71 37.70
N LYS C 251 9.99 -2.76 37.51
CA LYS C 251 10.87 -1.61 37.71
C LYS C 251 11.28 -1.12 36.34
N ASN C 252 10.77 0.06 35.93
CA ASN C 252 11.03 0.65 34.60
C ASN C 252 12.51 0.84 34.29
N TRP C 253 13.32 1.26 35.30
CA TRP C 253 14.76 1.46 35.16
C TRP C 253 15.43 0.14 34.74
N TYR C 254 14.97 -0.97 35.31
CA TYR C 254 15.54 -2.27 35.01
C TYR C 254 15.10 -2.74 33.63
N ARG C 255 13.80 -2.57 33.32
CA ARG C 255 13.20 -2.94 32.05
C ARG C 255 13.91 -2.18 30.92
N ASN C 256 14.13 -0.86 31.07
CA ASN C 256 14.77 -0.04 30.05
C ASN C 256 16.23 -0.42 29.87
N TRP C 257 16.95 -0.63 30.97
CA TRP C 257 18.36 -1.04 30.91
C TRP C 257 18.54 -2.41 30.20
N LEU C 258 17.73 -3.39 30.60
CA LEU C 258 17.81 -4.75 30.09
C LEU C 258 17.46 -4.84 28.61
N VAL C 259 16.39 -4.14 28.17
CA VAL C 259 16.00 -4.15 26.76
C VAL C 259 17.13 -3.49 25.92
N SER C 260 17.69 -2.37 26.39
CA SER C 260 18.80 -1.66 25.72
C SER C 260 20.04 -2.55 25.64
N HIS C 261 20.39 -3.24 26.74
CA HIS C 261 21.55 -4.14 26.80
C HIS C 261 21.43 -5.27 25.75
N ILE C 262 20.28 -5.98 25.74
CA ILE C 262 20.00 -7.07 24.80
C ILE C 262 20.03 -6.56 23.34
N LEU C 263 19.39 -5.43 23.06
CA LEU C 263 19.39 -4.85 21.72
C LEU C 263 20.77 -4.45 21.25
N VAL C 264 21.53 -3.71 22.06
CA VAL C 264 22.88 -3.27 21.74
C VAL C 264 23.82 -4.46 21.49
N GLU C 265 23.76 -5.49 22.37
CA GLU C 265 24.55 -6.71 22.23
C GLU C 265 24.26 -7.43 20.89
N THR C 266 22.98 -7.55 20.54
CA THR C 266 22.53 -8.17 19.28
C THR C 266 23.06 -7.41 18.05
N LEU C 267 22.93 -6.07 18.04
CA LEU C 267 23.41 -5.25 16.92
C LEU C 267 24.94 -5.29 16.81
N GLU C 268 25.67 -5.36 17.95
CA GLU C 268 27.13 -5.46 17.98
C GLU C 268 27.60 -6.77 17.35
N GLY C 269 26.81 -7.84 17.55
CA GLY C 269 27.06 -9.16 16.99
C GLY C 269 26.99 -9.23 15.48
N LEU C 270 26.25 -8.27 14.86
CA LEU C 270 26.12 -8.23 13.39
C LEU C 270 27.43 -7.77 12.73
N ALA C 271 28.38 -7.18 13.50
CA ALA C 271 29.66 -6.66 13.03
C ALA C 271 29.44 -5.83 11.74
N MET C 272 28.52 -4.84 11.81
CA MET C 272 28.21 -3.99 10.68
C MET C 272 29.38 -3.10 10.30
N GLN C 273 29.57 -2.88 8.99
CA GLN C 273 30.67 -2.06 8.49
C GLN C 273 30.14 -0.94 7.62
N TYR C 274 30.82 0.21 7.61
CA TYR C 274 30.45 1.34 6.74
C TYR C 274 30.82 0.96 5.29
N PRO C 275 29.98 1.30 4.29
CA PRO C 275 30.34 0.99 2.89
C PRO C 275 31.57 1.77 2.39
N GLN C 276 32.28 1.24 1.38
CA GLN C 276 33.41 1.96 0.77
C GLN C 276 33.24 1.95 -0.76
N PRO C 277 33.10 3.13 -1.43
CA PRO C 277 32.80 3.14 -2.87
C PRO C 277 33.99 3.25 -3.81
N ILE C 284 40.59 12.33 -5.36
CA ILE C 284 39.51 13.16 -5.92
C ILE C 284 39.36 14.47 -5.14
N VAL C 285 39.34 15.60 -5.87
CA VAL C 285 39.19 16.94 -5.32
C VAL C 285 38.03 17.67 -6.00
N ILE C 286 37.05 18.12 -5.20
CA ILE C 286 35.86 18.88 -5.64
C ILE C 286 36.24 20.29 -6.10
N GLU C 287 35.67 20.69 -7.25
CA GLU C 287 35.87 21.98 -7.90
C GLU C 287 34.56 22.79 -7.87
N MET D 21 -8.71 -34.46 -14.80
CA MET D 21 -9.11 -35.24 -13.64
C MET D 21 -8.09 -35.14 -12.49
N LYS D 22 -7.70 -36.29 -11.88
CA LYS D 22 -6.69 -36.32 -10.81
C LYS D 22 -5.36 -36.80 -11.39
N LYS D 23 -5.37 -37.15 -12.70
CA LYS D 23 -4.20 -37.59 -13.45
C LYS D 23 -3.20 -36.43 -13.65
N TYR D 24 -3.67 -35.19 -13.54
CA TYR D 24 -2.87 -33.97 -13.71
C TYR D 24 -2.46 -33.33 -12.36
N ARG D 25 -3.05 -33.81 -11.21
CA ARG D 25 -2.72 -33.31 -9.87
C ARG D 25 -1.44 -33.96 -9.39
N VAL D 26 -0.42 -33.15 -9.09
CA VAL D 26 0.88 -33.64 -8.62
C VAL D 26 0.76 -34.03 -7.13
N GLN D 27 0.88 -35.35 -6.88
CA GLN D 27 0.83 -35.94 -5.55
C GLN D 27 1.97 -35.48 -4.65
N PRO D 28 1.71 -35.22 -3.35
CA PRO D 28 2.78 -34.76 -2.46
C PRO D 28 3.67 -35.89 -1.93
N ASP D 29 4.43 -36.52 -2.84
CA ASP D 29 5.31 -37.64 -2.51
C ASP D 29 6.80 -37.39 -2.85
N GLY D 30 7.10 -36.19 -3.33
CA GLY D 30 8.45 -35.78 -3.74
C GLY D 30 9.08 -36.65 -4.81
N ARG D 31 8.24 -37.28 -5.67
CA ARG D 31 8.69 -38.18 -6.73
C ARG D 31 8.28 -37.65 -8.12
N PHE D 32 7.82 -36.38 -8.21
CA PHE D 32 7.40 -35.76 -9.47
C PHE D 32 8.52 -35.75 -10.52
N GLU D 33 8.16 -36.17 -11.75
CA GLU D 33 9.04 -36.16 -12.92
C GLU D 33 8.29 -35.52 -14.07
N LEU D 34 8.81 -34.38 -14.56
CA LEU D 34 8.18 -33.64 -15.65
C LEU D 34 8.09 -34.45 -16.97
N LYS D 35 9.03 -35.41 -17.18
CA LYS D 35 9.08 -36.29 -18.36
C LYS D 35 7.81 -37.15 -18.53
N ARG D 36 7.13 -37.48 -17.42
CA ARG D 36 5.88 -38.25 -17.37
C ARG D 36 4.67 -37.45 -17.91
N PHE D 37 4.87 -36.17 -18.22
CA PHE D 37 3.80 -35.31 -18.73
C PHE D 37 4.13 -34.85 -20.13
N ASP D 38 3.26 -35.18 -21.08
CA ASP D 38 3.48 -34.87 -22.49
C ASP D 38 2.73 -33.60 -22.82
N PRO D 39 3.41 -32.54 -23.34
CA PRO D 39 2.69 -31.30 -23.70
C PRO D 39 1.60 -31.52 -24.77
N ASP D 40 1.72 -32.61 -25.56
CA ASP D 40 0.80 -32.95 -26.65
C ASP D 40 -0.36 -33.88 -26.23
N ASP D 41 -0.41 -34.32 -24.96
CA ASP D 41 -1.45 -35.18 -24.40
C ASP D 41 -2.80 -34.48 -24.34
N THR D 42 -3.86 -35.16 -24.80
CA THR D 42 -5.26 -34.64 -24.80
C THR D 42 -6.23 -35.72 -24.34
N SER D 43 -5.70 -36.77 -23.70
CA SER D 43 -6.41 -37.98 -23.28
C SER D 43 -7.63 -37.76 -22.36
N ALA D 44 -7.67 -36.68 -21.55
CA ALA D 44 -8.81 -36.44 -20.66
C ALA D 44 -10.08 -35.94 -21.40
N PHE D 45 -9.93 -35.54 -22.68
CA PHE D 45 -11.07 -35.11 -23.47
C PHE D 45 -11.31 -36.06 -24.64
N GLU D 46 -12.51 -36.66 -24.69
CA GLU D 46 -12.88 -37.62 -25.73
C GLU D 46 -13.43 -36.93 -26.97
N GLY D 47 -12.53 -36.25 -27.68
CA GLY D 47 -12.84 -35.53 -28.90
C GLY D 47 -11.73 -34.57 -29.26
N GLY D 48 -12.03 -33.72 -30.22
CA GLY D 48 -11.09 -32.71 -30.70
C GLY D 48 -11.50 -31.30 -30.38
N LYS D 49 -10.88 -30.35 -31.09
CA LYS D 49 -11.05 -28.92 -30.94
C LYS D 49 -12.51 -28.46 -30.87
N GLN D 50 -13.32 -28.83 -31.87
CA GLN D 50 -14.70 -28.36 -31.93
C GLN D 50 -15.58 -28.82 -30.77
N ALA D 51 -15.49 -30.10 -30.35
CA ALA D 51 -16.30 -30.60 -29.23
C ALA D 51 -15.89 -29.96 -27.92
N ALA D 52 -14.58 -29.71 -27.76
CA ALA D 52 -14.00 -29.09 -26.57
C ALA D 52 -14.37 -27.61 -26.42
N LEU D 53 -14.57 -26.89 -27.55
CA LEU D 53 -14.99 -25.50 -27.52
C LEU D 53 -16.41 -25.39 -26.97
N GLU D 54 -17.30 -26.34 -27.33
CA GLU D 54 -18.69 -26.36 -26.85
C GLU D 54 -18.66 -26.69 -25.37
N ALA D 55 -17.82 -27.66 -24.98
CA ALA D 55 -17.64 -28.10 -23.59
C ALA D 55 -17.10 -26.96 -22.71
N LEU D 56 -16.17 -26.14 -23.28
CA LEU D 56 -15.57 -24.99 -22.64
C LEU D 56 -16.60 -23.90 -22.40
N ALA D 57 -17.47 -23.66 -23.39
CA ALA D 57 -18.55 -22.66 -23.34
C ALA D 57 -19.48 -22.97 -22.15
N VAL D 58 -19.81 -24.27 -21.93
CA VAL D 58 -20.66 -24.76 -20.83
C VAL D 58 -19.97 -24.45 -19.49
N LEU D 59 -18.67 -24.81 -19.36
CA LEU D 59 -17.89 -24.56 -18.15
C LEU D 59 -17.73 -23.08 -17.86
N ASN D 60 -17.51 -22.26 -18.91
CA ASN D 60 -17.37 -20.82 -18.77
C ASN D 60 -18.61 -20.16 -18.17
N ARG D 61 -19.79 -20.63 -18.54
CA ARG D 61 -21.05 -20.10 -18.01
C ARG D 61 -21.19 -20.50 -16.56
N ARG D 62 -20.86 -21.76 -16.24
CA ARG D 62 -20.87 -22.25 -14.86
C ARG D 62 -19.89 -21.40 -14.02
N LEU D 63 -18.70 -21.11 -14.56
CA LEU D 63 -17.69 -20.30 -13.91
C LEU D 63 -18.23 -18.87 -13.60
N GLU D 64 -18.94 -18.25 -14.56
CA GLU D 64 -19.53 -16.92 -14.35
C GLU D 64 -20.51 -17.01 -13.18
N LYS D 65 -21.37 -18.03 -13.15
CA LYS D 65 -22.35 -18.21 -12.08
C LYS D 65 -21.69 -18.51 -10.72
N LEU D 66 -20.60 -19.33 -10.69
CA LEU D 66 -19.85 -19.63 -9.47
C LEU D 66 -19.10 -18.41 -8.93
N GLN D 67 -18.59 -17.55 -9.82
CA GLN D 67 -17.93 -16.32 -9.38
C GLN D 67 -18.94 -15.37 -8.73
N GLU D 68 -20.15 -15.30 -9.31
CA GLU D 68 -21.20 -14.43 -8.77
C GLU D 68 -21.57 -14.80 -7.35
N LEU D 69 -21.61 -16.11 -7.08
CA LEU D 69 -21.89 -16.71 -5.80
C LEU D 69 -20.76 -16.43 -4.78
N LEU D 70 -19.48 -16.61 -5.21
CA LEU D 70 -18.28 -16.34 -4.42
C LEU D 70 -18.25 -14.93 -3.87
N TYR D 71 -18.52 -13.98 -4.77
CA TYR D 71 -18.55 -12.54 -4.50
C TYR D 71 -19.67 -12.19 -3.55
N ALA D 72 -20.88 -12.71 -3.83
CA ALA D 72 -22.09 -12.47 -3.04
C ALA D 72 -21.94 -12.99 -1.64
N GLU D 73 -21.48 -14.28 -1.50
CA GLU D 73 -21.26 -14.93 -0.22
C GLU D 73 -20.19 -14.19 0.59
N GLY D 74 -19.11 -13.77 -0.07
CA GLY D 74 -18.02 -12.98 0.51
C GLY D 74 -17.29 -13.63 1.67
N GLN D 75 -17.07 -14.96 1.59
CA GLN D 75 -16.37 -15.68 2.64
C GLN D 75 -15.09 -16.36 2.18
N HIS D 76 -15.10 -17.01 1.03
CA HIS D 76 -13.92 -17.69 0.52
C HIS D 76 -13.04 -16.76 -0.24
N LYS D 77 -11.76 -17.14 -0.37
CA LYS D 77 -10.75 -16.41 -1.14
C LYS D 77 -10.18 -17.42 -2.09
N VAL D 78 -10.12 -17.08 -3.38
CA VAL D 78 -9.63 -18.02 -4.38
C VAL D 78 -8.38 -17.47 -5.04
N LEU D 79 -7.29 -18.27 -4.98
CA LEU D 79 -6.00 -17.94 -5.60
C LEU D 79 -5.63 -18.94 -6.70
N VAL D 80 -5.52 -18.41 -7.92
CA VAL D 80 -5.10 -19.15 -9.12
C VAL D 80 -3.70 -18.67 -9.50
N VAL D 81 -2.73 -19.60 -9.46
CA VAL D 81 -1.34 -19.29 -9.82
C VAL D 81 -1.07 -19.84 -11.22
N LEU D 82 -0.59 -18.97 -12.12
CA LEU D 82 -0.19 -19.37 -13.47
C LEU D 82 1.32 -19.23 -13.63
N GLN D 83 1.98 -20.34 -14.03
CA GLN D 83 3.41 -20.41 -14.28
C GLN D 83 3.57 -21.22 -15.56
N ALA D 84 4.55 -20.83 -16.39
CA ALA D 84 4.84 -21.48 -17.69
C ALA D 84 6.19 -20.99 -18.23
N MET D 85 6.73 -21.68 -19.26
CA MET D 85 7.91 -21.18 -19.97
C MET D 85 7.41 -19.97 -20.79
N ASP D 86 8.32 -19.07 -21.27
CA ASP D 86 7.89 -17.91 -22.07
C ASP D 86 7.06 -18.39 -23.25
N ALA D 87 5.90 -17.74 -23.51
CA ALA D 87 4.93 -18.10 -24.57
C ALA D 87 4.16 -19.40 -24.27
N GLY D 88 4.19 -19.84 -23.01
CA GLY D 88 3.53 -21.03 -22.51
C GLY D 88 2.01 -20.96 -22.39
N GLY D 89 1.43 -19.77 -22.58
CA GLY D 89 -0.02 -19.56 -22.58
C GLY D 89 -0.67 -18.90 -21.39
N LYS D 90 0.10 -18.15 -20.55
CA LYS D 90 -0.44 -17.47 -19.38
C LYS D 90 -1.50 -16.44 -19.76
N ASP D 91 -1.18 -15.50 -20.68
CA ASP D 91 -2.15 -14.49 -21.14
C ASP D 91 -3.40 -15.13 -21.79
N GLY D 92 -3.18 -16.10 -22.69
CA GLY D 92 -4.23 -16.84 -23.38
C GLY D 92 -5.20 -17.48 -22.42
N THR D 93 -4.67 -18.13 -21.36
CA THR D 93 -5.46 -18.76 -20.30
C THR D 93 -6.36 -17.75 -19.61
N ILE D 94 -5.80 -16.63 -19.14
CA ILE D 94 -6.56 -15.57 -18.46
C ILE D 94 -7.71 -15.08 -19.35
N ARG D 95 -7.39 -14.69 -20.56
CA ARG D 95 -8.28 -14.18 -21.57
C ARG D 95 -9.49 -15.11 -21.85
N VAL D 96 -9.23 -16.37 -22.10
CA VAL D 96 -10.24 -17.37 -22.43
C VAL D 96 -10.96 -17.97 -21.20
N VAL D 97 -10.22 -18.42 -20.18
CA VAL D 97 -10.86 -19.06 -19.03
C VAL D 97 -11.81 -18.10 -18.31
N PHE D 98 -11.37 -16.83 -18.15
CA PHE D 98 -12.11 -15.82 -17.41
C PHE D 98 -12.95 -14.91 -18.31
N ASP D 99 -13.13 -15.29 -19.59
CA ASP D 99 -13.97 -14.55 -20.53
C ASP D 99 -15.42 -14.42 -20.01
N GLY D 100 -15.86 -13.17 -19.86
CA GLY D 100 -17.21 -12.86 -19.39
C GLY D 100 -17.41 -12.93 -17.89
N VAL D 101 -16.38 -13.32 -17.12
CA VAL D 101 -16.46 -13.35 -15.66
C VAL D 101 -16.39 -11.87 -15.17
N ASN D 102 -17.34 -11.45 -14.32
CA ASN D 102 -17.45 -10.09 -13.80
C ASN D 102 -16.12 -9.51 -13.32
N PRO D 103 -15.70 -8.37 -13.94
CA PRO D 103 -14.43 -7.74 -13.56
C PRO D 103 -14.38 -7.29 -12.10
N SER D 104 -15.55 -7.01 -11.47
CA SER D 104 -15.64 -6.59 -10.08
C SER D 104 -15.12 -7.67 -9.10
N GLY D 105 -15.13 -8.94 -9.50
CA GLY D 105 -14.68 -10.01 -8.61
C GLY D 105 -13.47 -10.81 -9.01
N VAL D 106 -12.87 -10.45 -10.15
CA VAL D 106 -11.70 -11.14 -10.65
C VAL D 106 -10.58 -10.11 -10.88
N ARG D 107 -9.41 -10.38 -10.31
CA ARG D 107 -8.27 -9.49 -10.35
C ARG D 107 -7.00 -10.24 -10.78
N VAL D 108 -6.20 -9.59 -11.63
CA VAL D 108 -4.92 -10.15 -12.07
C VAL D 108 -3.82 -9.35 -11.37
N ALA D 109 -2.84 -10.09 -10.83
CA ALA D 109 -1.64 -9.55 -10.20
C ALA D 109 -0.49 -10.16 -10.99
N SER D 110 0.23 -9.31 -11.73
CA SER D 110 1.36 -9.74 -12.55
C SER D 110 2.63 -9.47 -11.79
N PHE D 111 3.57 -10.43 -11.79
CA PHE D 111 4.84 -10.24 -11.10
C PHE D 111 5.99 -10.15 -12.08
N GLY D 112 6.56 -8.96 -12.19
CA GLY D 112 7.68 -8.69 -13.09
C GLY D 112 8.99 -8.52 -12.34
N VAL D 113 9.93 -7.83 -12.98
CA VAL D 113 11.25 -7.59 -12.42
C VAL D 113 11.13 -6.79 -11.11
N PRO D 114 11.64 -7.33 -9.96
CA PRO D 114 11.49 -6.61 -8.67
C PRO D 114 12.13 -5.22 -8.67
N THR D 115 11.45 -4.25 -8.06
CA THR D 115 11.94 -2.87 -7.95
C THR D 115 12.85 -2.80 -6.72
N GLU D 116 13.53 -1.65 -6.54
CA GLU D 116 14.40 -1.45 -5.38
C GLU D 116 13.58 -1.51 -4.06
N GLN D 117 12.36 -0.95 -4.07
CA GLN D 117 11.42 -0.96 -2.94
C GLN D 117 11.06 -2.39 -2.55
N GLU D 118 10.79 -3.25 -3.57
CA GLU D 118 10.43 -4.65 -3.40
C GLU D 118 11.58 -5.48 -2.92
N LEU D 119 12.81 -5.23 -3.43
CA LEU D 119 14.05 -5.94 -3.04
C LEU D 119 14.51 -5.58 -1.63
N ALA D 120 14.09 -4.41 -1.12
CA ALA D 120 14.43 -3.94 0.22
C ALA D 120 13.71 -4.66 1.33
N ARG D 121 12.71 -5.48 0.97
CA ARG D 121 11.98 -6.36 1.90
C ARG D 121 12.18 -7.80 1.39
N ASP D 122 11.73 -8.81 2.14
CA ASP D 122 11.82 -10.20 1.70
C ASP D 122 11.01 -10.41 0.39
N TYR D 123 11.39 -11.42 -0.41
CA TYR D 123 10.73 -11.72 -1.68
C TYR D 123 9.22 -11.99 -1.53
N LEU D 124 8.74 -12.41 -0.35
CA LEU D 124 7.31 -12.69 -0.19
C LEU D 124 6.45 -11.45 0.11
N TRP D 125 7.07 -10.34 0.52
CA TRP D 125 6.39 -9.09 0.87
C TRP D 125 5.51 -8.59 -0.28
N ARG D 126 6.06 -8.47 -1.52
CA ARG D 126 5.31 -7.95 -2.67
C ARG D 126 4.18 -8.86 -3.10
N VAL D 127 4.33 -10.16 -2.84
CA VAL D 127 3.43 -11.24 -3.20
C VAL D 127 2.29 -11.27 -2.19
N HIS D 128 2.62 -11.31 -0.87
CA HIS D 128 1.63 -11.32 0.20
C HIS D 128 0.66 -10.13 0.06
N GLN D 129 1.13 -8.95 -0.37
N GLN D 129 1.16 -8.97 -0.40
CA GLN D 129 0.24 -7.79 -0.54
CA GLN D 129 0.40 -7.73 -0.64
C GLN D 129 -0.94 -8.07 -1.48
C GLN D 129 -0.81 -7.94 -1.56
N GLN D 130 -0.67 -8.82 -2.56
CA GLN D 130 -1.62 -9.13 -3.62
C GLN D 130 -2.58 -10.30 -3.40
N VAL D 131 -2.47 -11.03 -2.28
CA VAL D 131 -3.33 -12.20 -2.02
C VAL D 131 -4.84 -11.83 -2.13
N PRO D 132 -5.72 -12.77 -2.57
CA PRO D 132 -7.15 -12.42 -2.66
C PRO D 132 -7.77 -12.17 -1.29
N ARG D 133 -8.71 -11.22 -1.27
CA ARG D 133 -9.50 -10.95 -0.08
C ARG D 133 -10.77 -11.82 -0.16
N LYS D 134 -11.61 -11.79 0.90
CA LYS D 134 -12.87 -12.54 0.95
C LYS D 134 -13.78 -12.14 -0.22
N GLY D 135 -14.32 -13.14 -0.92
CA GLY D 135 -15.22 -12.96 -2.06
C GLY D 135 -14.54 -12.67 -3.38
N GLU D 136 -13.20 -12.72 -3.36
CA GLU D 136 -12.38 -12.37 -4.52
C GLU D 136 -11.65 -13.56 -5.13
N LEU D 137 -11.50 -13.52 -6.46
CA LEU D 137 -10.74 -14.49 -7.21
C LEU D 137 -9.57 -13.74 -7.81
N VAL D 138 -8.35 -14.13 -7.41
CA VAL D 138 -7.11 -13.53 -7.89
C VAL D 138 -6.30 -14.51 -8.71
N ILE D 139 -5.78 -14.01 -9.86
CA ILE D 139 -4.88 -14.73 -10.72
C ILE D 139 -3.50 -14.08 -10.59
N PHE D 140 -2.49 -14.92 -10.25
CA PHE D 140 -1.09 -14.56 -10.20
C PHE D 140 -0.54 -14.94 -11.57
N ASN D 141 -0.25 -13.93 -12.41
CA ASN D 141 0.39 -14.12 -13.71
C ASN D 141 1.85 -14.02 -13.35
N ARG D 142 2.49 -15.17 -13.11
CA ARG D 142 3.82 -15.33 -12.47
C ARG D 142 3.56 -15.09 -10.96
N SER D 143 4.52 -15.44 -10.09
CA SER D 143 4.27 -15.37 -8.64
C SER D 143 5.55 -15.40 -7.85
N HIS D 144 5.40 -15.75 -6.55
CA HIS D 144 6.48 -16.00 -5.62
C HIS D 144 7.38 -17.14 -6.11
N TYR D 145 6.90 -17.98 -7.07
CA TYR D 145 7.68 -19.07 -7.66
C TYR D 145 8.84 -18.57 -8.45
N GLU D 146 8.73 -17.36 -9.04
CA GLU D 146 9.86 -16.76 -9.78
C GLU D 146 11.15 -16.68 -8.89
N ASP D 147 10.96 -16.71 -7.56
CA ASP D 147 12.01 -16.61 -6.58
C ASP D 147 12.74 -17.94 -6.35
N VAL D 148 12.33 -18.98 -7.07
CA VAL D 148 13.01 -20.29 -7.11
C VAL D 148 13.14 -20.72 -8.58
N LEU D 149 12.76 -19.84 -9.52
CA LEU D 149 12.84 -20.12 -10.95
C LEU D 149 13.93 -19.28 -11.62
N VAL D 150 13.61 -18.06 -12.09
CA VAL D 150 14.57 -17.12 -12.70
C VAL D 150 15.75 -16.83 -11.74
N VAL D 151 15.42 -16.69 -10.45
CA VAL D 151 16.38 -16.44 -9.37
C VAL D 151 17.43 -17.56 -9.28
N ARG D 152 16.97 -18.83 -9.36
CA ARG D 152 17.80 -20.02 -9.33
C ARG D 152 18.62 -20.12 -10.62
N VAL D 153 17.93 -20.10 -11.77
CA VAL D 153 18.54 -20.26 -13.12
C VAL D 153 19.66 -19.23 -13.39
N LYS D 154 19.40 -17.94 -13.08
CA LYS D 154 20.32 -16.83 -13.31
C LYS D 154 21.20 -16.46 -12.08
N ASN D 155 21.11 -17.25 -11.00
CA ASN D 155 21.83 -17.09 -9.73
C ASN D 155 21.80 -15.67 -9.17
N LEU D 156 20.58 -15.11 -9.04
CA LEU D 156 20.38 -13.74 -8.53
C LEU D 156 20.61 -13.64 -7.02
N VAL D 157 20.57 -14.80 -6.35
CA VAL D 157 20.92 -15.04 -4.94
C VAL D 157 21.69 -16.37 -4.94
N PRO D 158 22.57 -16.66 -3.95
CA PRO D 158 23.27 -17.97 -3.97
C PRO D 158 22.32 -19.12 -3.67
N GLN D 159 22.72 -20.34 -4.06
CA GLN D 159 21.99 -21.60 -3.82
C GLN D 159 21.60 -21.75 -2.34
N GLN D 160 22.51 -21.34 -1.42
CA GLN D 160 22.28 -21.41 0.01
C GLN D 160 21.02 -20.62 0.40
N VAL D 161 20.78 -19.50 -0.29
CA VAL D 161 19.61 -18.66 -0.07
C VAL D 161 18.32 -19.26 -0.72
N TRP D 162 18.32 -19.50 -2.05
CA TRP D 162 17.10 -19.94 -2.72
C TRP D 162 16.66 -21.37 -2.35
N GLN D 163 17.58 -22.26 -1.91
CA GLN D 163 17.24 -23.64 -1.53
C GLN D 163 16.31 -23.66 -0.32
N LYS D 164 16.43 -22.66 0.56
CA LYS D 164 15.60 -22.50 1.77
C LYS D 164 14.18 -22.04 1.44
N ARG D 165 13.99 -21.47 0.25
CA ARG D 165 12.73 -20.89 -0.16
C ARG D 165 11.62 -21.90 -0.45
N TYR D 166 11.95 -23.17 -0.73
CA TYR D 166 10.89 -24.17 -0.96
C TYR D 166 10.05 -24.36 0.30
N ARG D 167 10.72 -24.42 1.48
CA ARG D 167 10.04 -24.53 2.75
C ARG D 167 9.24 -23.28 3.02
N HIS D 168 9.82 -22.06 2.78
CA HIS D 168 9.13 -20.79 3.00
C HIS D 168 7.81 -20.83 2.26
N ILE D 169 7.84 -21.24 0.97
CA ILE D 169 6.66 -21.31 0.09
C ILE D 169 5.61 -22.30 0.60
N ARG D 170 6.02 -23.53 1.00
CA ARG D 170 5.09 -24.53 1.54
C ARG D 170 4.34 -23.97 2.77
N GLU D 171 5.07 -23.31 3.66
CA GLU D 171 4.59 -22.77 4.91
C GLU D 171 3.77 -21.49 4.73
N PHE D 172 4.09 -20.71 3.70
CA PHE D 172 3.34 -19.52 3.38
C PHE D 172 1.96 -19.95 2.84
N GLU D 173 1.98 -20.95 1.95
CA GLU D 173 0.77 -21.46 1.32
C GLU D 173 -0.10 -22.20 2.32
N ARG D 174 0.54 -22.89 3.31
CA ARG D 174 -0.19 -23.60 4.38
C ARG D 174 -0.98 -22.61 5.19
N MET D 175 -0.36 -21.48 5.53
CA MET D 175 -0.95 -20.41 6.32
C MET D 175 -2.15 -19.86 5.54
N LEU D 176 -1.96 -19.56 4.24
CA LEU D 176 -3.01 -19.05 3.36
C LEU D 176 -4.20 -19.99 3.29
N ALA D 177 -3.92 -21.29 3.11
CA ALA D 177 -4.98 -22.31 3.01
C ALA D 177 -5.71 -22.45 4.35
N ASP D 178 -4.96 -22.56 5.43
CA ASP D 178 -5.53 -22.67 6.78
C ASP D 178 -6.43 -21.48 7.11
N GLU D 179 -6.07 -20.28 6.60
CA GLU D 179 -6.82 -19.06 6.88
C GLU D 179 -7.97 -18.78 5.88
N GLY D 180 -8.25 -19.72 4.98
CA GLY D 180 -9.40 -19.62 4.11
C GLY D 180 -9.22 -19.43 2.62
N THR D 181 -7.94 -19.55 2.13
CA THR D 181 -7.69 -19.43 0.70
C THR D 181 -7.69 -20.80 0.02
N THR D 182 -8.43 -20.92 -1.11
CA THR D 182 -8.46 -22.10 -1.98
C THR D 182 -7.38 -21.81 -3.02
N ILE D 183 -6.32 -22.65 -3.04
CA ILE D 183 -5.15 -22.46 -3.90
C ILE D 183 -5.09 -23.48 -5.03
N LEU D 184 -5.02 -22.96 -6.26
CA LEU D 184 -4.85 -23.79 -7.44
C LEU D 184 -3.63 -23.26 -8.17
N LYS D 185 -2.64 -24.13 -8.38
CA LYS D 185 -1.45 -23.74 -9.09
C LYS D 185 -1.39 -24.55 -10.37
N PHE D 186 -1.36 -23.83 -11.52
CA PHE D 186 -1.29 -24.41 -12.85
C PHE D 186 0.07 -24.17 -13.51
N PHE D 187 0.75 -25.28 -13.90
CA PHE D 187 1.96 -25.21 -14.68
C PHE D 187 1.53 -25.55 -16.11
N LEU D 188 1.54 -24.54 -16.99
CA LEU D 188 1.14 -24.71 -18.39
C LEU D 188 2.38 -25.21 -19.12
N HIS D 189 2.33 -26.53 -19.42
CA HIS D 189 3.43 -27.29 -19.99
C HIS D 189 3.46 -27.38 -21.53
N ILE D 190 4.39 -26.64 -22.15
CA ILE D 190 4.59 -26.66 -23.59
C ILE D 190 5.94 -27.30 -23.91
N SER D 191 6.12 -27.77 -25.15
CA SER D 191 7.37 -28.40 -25.57
C SER D 191 8.38 -27.34 -26.05
N LYS D 192 9.68 -27.73 -26.23
CA LYS D 192 10.74 -26.83 -26.72
C LYS D 192 10.44 -26.35 -28.12
N ASP D 193 10.01 -27.27 -29.01
CA ASP D 193 9.66 -26.94 -30.39
C ASP D 193 8.40 -26.06 -30.46
N GLU D 194 7.38 -26.31 -29.60
CA GLU D 194 6.17 -25.49 -29.55
C GLU D 194 6.54 -24.03 -29.19
N GLN D 195 7.46 -23.84 -28.22
CA GLN D 195 7.93 -22.53 -27.82
C GLN D 195 8.66 -21.83 -28.96
N ARG D 196 9.48 -22.56 -29.73
CA ARG D 196 10.25 -21.99 -30.83
C ARG D 196 9.32 -21.37 -31.88
N GLN D 197 8.20 -22.07 -32.17
CA GLN D 197 7.20 -21.64 -33.13
C GLN D 197 6.51 -20.42 -32.55
N ARG D 198 6.00 -20.53 -31.31
CA ARG D 198 5.26 -19.43 -30.68
C ARG D 198 6.05 -18.14 -30.60
N LEU D 199 7.35 -18.25 -30.20
CA LEU D 199 8.30 -17.14 -30.13
C LEU D 199 8.49 -16.52 -31.50
N GLN D 200 8.67 -17.37 -32.54
CA GLN D 200 8.86 -16.95 -33.93
C GLN D 200 7.62 -16.24 -34.49
N GLU D 201 6.43 -16.81 -34.20
CA GLU D 201 5.13 -16.25 -34.60
C GLU D 201 4.97 -14.85 -33.97
N ARG D 202 5.49 -14.67 -32.73
CA ARG D 202 5.47 -13.44 -31.96
C ARG D 202 6.35 -12.38 -32.66
N LEU D 203 7.49 -12.81 -33.23
CA LEU D 203 8.43 -11.99 -34.00
C LEU D 203 7.82 -11.47 -35.33
N ASP D 204 7.10 -12.37 -36.05
CA ASP D 204 6.49 -12.17 -37.37
C ASP D 204 5.16 -11.42 -37.35
N ASN D 205 4.50 -11.38 -36.18
CA ASN D 205 3.24 -10.67 -36.02
C ASN D 205 3.49 -9.25 -35.49
N PRO D 206 3.25 -8.20 -36.33
CA PRO D 206 3.46 -6.82 -35.86
C PRO D 206 2.58 -6.39 -34.68
N GLU D 207 1.47 -7.11 -34.44
CA GLU D 207 0.55 -6.85 -33.32
C GLU D 207 0.97 -7.66 -32.10
N LYS D 208 2.07 -8.43 -32.22
CA LYS D 208 2.62 -9.28 -31.13
C LYS D 208 4.12 -9.08 -30.87
N ARG D 209 4.85 -8.42 -31.79
CA ARG D 209 6.28 -8.14 -31.71
C ARG D 209 6.67 -7.44 -30.41
N TRP D 210 5.75 -6.64 -29.83
CA TRP D 210 5.96 -5.92 -28.57
C TRP D 210 6.18 -6.85 -27.36
N LYS D 211 5.64 -8.10 -27.44
CA LYS D 211 5.77 -9.11 -26.39
C LYS D 211 7.20 -9.69 -26.36
N PHE D 212 7.92 -9.59 -27.50
CA PHE D 212 9.30 -10.05 -27.62
C PHE D 212 10.32 -9.04 -27.13
N ARG D 213 11.28 -9.56 -26.35
CA ARG D 213 12.43 -8.83 -25.82
C ARG D 213 13.69 -9.62 -26.24
N MET D 214 14.88 -8.98 -26.24
CA MET D 214 16.13 -9.68 -26.56
C MET D 214 16.44 -10.74 -25.49
N GLY D 215 16.10 -10.41 -24.24
CA GLY D 215 16.24 -11.28 -23.08
C GLY D 215 15.52 -12.61 -23.18
N ASP D 216 14.48 -12.70 -24.05
CA ASP D 216 13.70 -13.92 -24.30
C ASP D 216 14.57 -15.02 -24.96
N LEU D 217 15.59 -14.61 -25.72
CA LEU D 217 16.56 -15.49 -26.36
C LEU D 217 17.51 -16.11 -25.33
N GLU D 218 17.85 -15.36 -24.25
CA GLU D 218 18.67 -15.80 -23.13
C GLU D 218 17.86 -16.85 -22.34
N ASP D 219 16.57 -16.54 -22.11
CA ASP D 219 15.60 -17.42 -21.43
C ASP D 219 15.33 -18.70 -22.23
N ARG D 220 15.38 -18.62 -23.58
CA ARG D 220 15.19 -19.78 -24.46
C ARG D 220 16.45 -20.64 -24.37
N ARG D 221 17.64 -20.00 -24.47
CA ARG D 221 18.96 -20.65 -24.37
C ARG D 221 19.12 -21.47 -23.06
N LEU D 222 18.39 -21.08 -21.99
CA LEU D 222 18.39 -21.72 -20.66
C LEU D 222 17.19 -22.66 -20.43
N TRP D 223 16.52 -23.11 -21.51
CA TRP D 223 15.36 -24.02 -21.50
C TRP D 223 15.51 -25.17 -20.48
N ASP D 224 16.60 -25.94 -20.57
CA ASP D 224 16.88 -27.09 -19.72
C ASP D 224 17.04 -26.75 -18.27
N ARG D 225 17.71 -25.62 -17.98
CA ARG D 225 17.89 -25.14 -16.61
C ARG D 225 16.54 -24.79 -16.00
N TYR D 226 15.66 -24.13 -16.80
CA TYR D 226 14.32 -23.76 -16.36
C TYR D 226 13.42 -24.98 -16.16
N GLN D 227 13.59 -26.03 -16.98
CA GLN D 227 12.79 -27.25 -16.86
C GLN D 227 13.16 -27.95 -15.56
N GLU D 228 14.47 -27.99 -15.24
CA GLU D 228 15.00 -28.56 -13.99
C GLU D 228 14.43 -27.77 -12.80
N ALA D 229 14.48 -26.43 -12.89
CA ALA D 229 14.01 -25.51 -11.86
C ALA D 229 12.50 -25.69 -11.58
N TYR D 230 11.69 -25.93 -12.66
CA TYR D 230 10.25 -26.21 -12.59
C TYR D 230 9.96 -27.53 -11.96
N GLU D 231 10.68 -28.57 -12.36
CA GLU D 231 10.54 -29.91 -11.80
C GLU D 231 10.80 -29.87 -10.28
N ALA D 232 11.97 -29.34 -9.86
CA ALA D 232 12.33 -29.17 -8.44
C ALA D 232 11.27 -28.33 -7.68
N ALA D 233 10.81 -27.18 -8.24
CA ALA D 233 9.81 -26.33 -7.60
C ALA D 233 8.46 -27.07 -7.43
N ILE D 234 7.96 -27.74 -8.51
CA ILE D 234 6.71 -28.52 -8.46
C ILE D 234 6.84 -29.69 -7.41
N ARG D 235 7.93 -30.46 -7.49
CA ARG D 235 8.23 -31.59 -6.57
C ARG D 235 8.25 -31.12 -5.09
N GLU D 236 8.89 -29.95 -4.83
CA GLU D 236 9.03 -29.41 -3.49
C GLU D 236 7.76 -28.78 -2.93
N THR D 237 6.87 -28.21 -3.77
CA THR D 237 5.76 -27.43 -3.26
C THR D 237 4.34 -27.96 -3.56
N SER D 238 4.21 -29.07 -4.29
CA SER D 238 2.85 -29.60 -4.51
C SER D 238 2.41 -30.33 -3.26
N THR D 239 1.40 -29.76 -2.58
CA THR D 239 0.89 -30.28 -1.32
C THR D 239 -0.62 -30.55 -1.41
N GLU D 240 -1.18 -31.22 -0.40
CA GLU D 240 -2.61 -31.52 -0.29
C GLU D 240 -3.40 -30.23 -0.22
N TYR D 241 -2.87 -29.21 0.49
CA TYR D 241 -3.53 -27.91 0.66
C TYR D 241 -3.29 -26.94 -0.51
N ALA D 242 -2.23 -27.15 -1.29
CA ALA D 242 -1.90 -26.29 -2.43
C ALA D 242 -1.30 -27.16 -3.54
N PRO D 243 -2.17 -27.84 -4.32
CA PRO D 243 -1.65 -28.71 -5.36
C PRO D 243 -1.19 -28.01 -6.61
N TRP D 244 -0.25 -28.65 -7.30
CA TRP D 244 0.21 -28.25 -8.62
C TRP D 244 -0.55 -29.15 -9.58
N TYR D 245 -1.01 -28.58 -10.70
CA TYR D 245 -1.62 -29.29 -11.81
C TYR D 245 -0.74 -29.00 -13.00
N VAL D 246 -0.30 -30.08 -13.69
CA VAL D 246 0.52 -29.95 -14.91
C VAL D 246 -0.49 -30.01 -16.04
N ILE D 247 -0.57 -28.93 -16.83
CA ILE D 247 -1.51 -28.81 -17.92
C ILE D 247 -0.79 -28.98 -19.26
N PRO D 248 -1.02 -30.10 -20.01
CA PRO D 248 -0.42 -30.22 -21.37
C PRO D 248 -0.97 -29.03 -22.17
N ALA D 249 -0.07 -28.13 -22.59
CA ALA D 249 -0.53 -26.87 -23.14
C ALA D 249 -0.12 -26.56 -24.56
N ASN D 250 0.34 -27.57 -25.34
CA ASN D 250 0.66 -27.35 -26.76
C ASN D 250 -0.63 -27.04 -27.55
N LYS D 251 -1.78 -27.60 -27.12
CA LYS D 251 -3.08 -27.39 -27.76
C LYS D 251 -3.87 -26.47 -26.88
N ASN D 252 -4.06 -25.21 -27.31
CA ASN D 252 -4.77 -24.18 -26.53
C ASN D 252 -6.18 -24.58 -26.11
N TRP D 253 -6.93 -25.26 -27.02
CA TRP D 253 -8.29 -25.72 -26.76
C TRP D 253 -8.31 -26.67 -25.58
N TYR D 254 -7.29 -27.53 -25.48
CA TYR D 254 -7.19 -28.51 -24.41
C TYR D 254 -6.79 -27.84 -23.11
N ARG D 255 -5.80 -26.94 -23.19
CA ARG D 255 -5.30 -26.17 -22.06
C ARG D 255 -6.44 -25.36 -21.43
N ASN D 256 -7.23 -24.67 -22.26
CA ASN D 256 -8.34 -23.85 -21.77
C ASN D 256 -9.46 -24.68 -21.17
N TRP D 257 -9.80 -25.82 -21.81
CA TRP D 257 -10.84 -26.73 -21.31
C TRP D 257 -10.45 -27.32 -19.94
N LEU D 258 -9.21 -27.83 -19.84
CA LEU D 258 -8.71 -28.49 -18.64
C LEU D 258 -8.59 -27.56 -17.45
N VAL D 259 -8.07 -26.33 -17.66
CA VAL D 259 -7.96 -25.35 -16.59
C VAL D 259 -9.39 -24.96 -16.09
N SER D 260 -10.34 -24.73 -17.03
CA SER D 260 -11.73 -24.41 -16.70
C SER D 260 -12.40 -25.52 -15.92
N HIS D 261 -12.19 -26.79 -16.35
CA HIS D 261 -12.76 -27.95 -15.70
C HIS D 261 -12.30 -28.05 -14.23
N ILE D 262 -10.97 -27.97 -13.99
CA ILE D 262 -10.36 -28.06 -12.67
C ILE D 262 -10.88 -26.93 -11.79
N LEU D 263 -10.90 -25.69 -12.31
CA LEU D 263 -11.38 -24.54 -11.57
C LEU D 263 -12.85 -24.62 -11.18
N VAL D 264 -13.72 -24.95 -12.13
CA VAL D 264 -15.16 -25.09 -11.91
C VAL D 264 -15.47 -26.15 -10.86
N GLU D 265 -14.88 -27.35 -11.00
CA GLU D 265 -15.10 -28.42 -10.04
C GLU D 265 -14.69 -28.01 -8.62
N THR D 266 -13.50 -27.35 -8.48
CA THR D 266 -13.00 -26.85 -7.21
C THR D 266 -14.02 -25.88 -6.56
N LEU D 267 -14.49 -24.87 -7.33
CA LEU D 267 -15.47 -23.89 -6.83
C LEU D 267 -16.81 -24.52 -6.47
N GLU D 268 -17.27 -25.55 -7.24
CA GLU D 268 -18.52 -26.26 -6.96
C GLU D 268 -18.46 -26.96 -5.60
N GLY D 269 -17.26 -27.48 -5.29
CA GLY D 269 -16.96 -28.18 -4.06
C GLY D 269 -17.08 -27.31 -2.84
N LEU D 270 -16.96 -26.00 -3.01
CA LEU D 270 -17.06 -25.06 -1.89
C LEU D 270 -18.48 -24.94 -1.34
N ALA D 271 -19.50 -25.41 -2.12
CA ALA D 271 -20.91 -25.36 -1.76
C ALA D 271 -21.29 -23.97 -1.25
N MET D 272 -20.95 -22.94 -2.05
CA MET D 272 -21.22 -21.55 -1.70
C MET D 272 -22.70 -21.24 -1.71
N GLN D 273 -23.15 -20.40 -0.77
CA GLN D 273 -24.58 -20.04 -0.63
C GLN D 273 -24.76 -18.53 -0.69
N TYR D 274 -25.89 -18.06 -1.23
CA TYR D 274 -26.20 -16.64 -1.25
C TYR D 274 -26.56 -16.18 0.18
N PRO D 275 -26.13 -14.97 0.63
CA PRO D 275 -26.53 -14.54 1.98
C PRO D 275 -28.05 -14.25 2.09
N GLN D 276 -28.65 -14.42 3.29
CA GLN D 276 -30.09 -14.15 3.45
C GLN D 276 -30.39 -13.19 4.58
N ILE D 284 -41.61 -6.23 3.73
CA ILE D 284 -41.18 -4.88 3.32
C ILE D 284 -41.76 -4.52 1.95
N VAL D 285 -42.37 -3.33 1.84
CA VAL D 285 -42.92 -2.79 0.59
C VAL D 285 -42.33 -1.38 0.35
N ILE D 286 -41.63 -1.19 -0.77
CA ILE D 286 -41.02 0.10 -1.15
C ILE D 286 -42.09 1.13 -1.53
N GLU D 287 -41.92 2.37 -1.03
CA GLU D 287 -42.80 3.51 -1.29
C GLU D 287 -42.03 4.64 -2.02
#